data_9AT0
#
_entry.id   9AT0
#
_cell.length_a   55.042
_cell.length_b   98.604
_cell.length_c   58.349
_cell.angle_alpha   90.00
_cell.angle_beta   107.62
_cell.angle_gamma   90.00
#
_symmetry.space_group_name_H-M   'P 1 21 1'
#
loop_
_entity.id
_entity.type
_entity.pdbx_description
1 polymer '3C-like proteinase nsp5'
2 non-polymer '(1S,2S)-2-{[N-({[(2S)-1-(cyclohexylmethyl)-5-oxopyrrolidin-2-yl]methoxy}carbonyl)-L-leucyl]amino}-1-hydroxy-3-[(3S)-2-oxopyrrolidin-3-yl]propane-1-sulfonic acid'
3 non-polymer '(1R,2S)-2-{[N-({[(2S)-1-(cyclohexylmethyl)-5-oxopyrrolidin-2-yl]methoxy}carbonyl)-L-leucyl]amino}-1-hydroxy-3-[(3S)-2-oxopyrrolidin-3-yl]propane-1-sulfonic acid'
4 non-polymer D-MALATE
5 water water
#
_entity_poly.entity_id   1
_entity_poly.type   'polypeptide(L)'
_entity_poly.pdbx_seq_one_letter_code
;SNIGSGFRKMAFPSGKVEGCMVQVTCGTTTLNGLWLDDVVYCPRHVICTSEDMLNPNYEDLLIRKSNHNFLVQAGNVQLR
VIGHSMQNCVLKLKVDTANPKTPKYKFVRIQPGQTFSVLACYNGSPSGVYQCAMRPNFTIKGSFLNGSCGSVGFNIDYDC
VSFCYMHHMELPTGVHAGTDLEGNFYGPFVDRQTAQAAGTDTTITVNVLAWLYAAVINGDRWFLNRFTTTLNDFNLVAMK
YNYEPLTQDHVDILGPLSAQTGIAVLDMCASLKELLQNGMNGRTILGSALLEDEFTPFDVVRQCSGVT
;
_entity_poly.pdbx_strand_id   A,B
#
loop_
_chem_comp.id
_chem_comp.type
_chem_comp.name
_chem_comp.formula
A1AGW non-polymer '(1R,2S)-2-{[N-({[(2S)-1-(cyclohexylmethyl)-5-oxopyrrolidin-2-yl]methoxy}carbonyl)-L-leucyl]amino}-1-hydroxy-3-[(3S)-2-oxopyrrolidin-3-yl]propane-1-sulfonic acid' 'C26 H44 N4 O9 S'
A1AGX non-polymer '(1S,2S)-2-{[N-({[(2S)-1-(cyclohexylmethyl)-5-oxopyrrolidin-2-yl]methoxy}carbonyl)-L-leucyl]amino}-1-hydroxy-3-[(3S)-2-oxopyrrolidin-3-yl]propane-1-sulfonic acid' 'C26 H44 N4 O9 S'
MLT non-polymer D-MALATE 'C4 H6 O5'
#
# COMPACT_ATOMS: atom_id res chain seq x y z
N GLY A 6 -12.20 8.52 4.78
CA GLY A 6 -10.78 8.78 4.99
C GLY A 6 -9.98 8.82 3.70
N PHE A 7 -8.64 8.94 3.78
CA PHE A 7 -7.83 9.08 2.56
C PHE A 7 -6.48 8.39 2.69
N ARG A 8 -6.15 7.56 1.70
CA ARG A 8 -5.02 6.65 1.79
C ARG A 8 -4.42 6.42 0.42
N LYS A 9 -3.10 6.28 0.38
CA LYS A 9 -2.41 5.87 -0.85
C LYS A 9 -2.66 4.39 -1.05
N MET A 10 -3.45 4.08 -2.06
CA MET A 10 -4.08 2.80 -2.25
C MET A 10 -3.59 2.21 -3.56
N ALA A 11 -3.22 0.93 -3.53
CA ALA A 11 -2.79 0.21 -4.71
C ALA A 11 -3.93 -0.68 -5.19
N PHE A 12 -3.89 -1.04 -6.48
CA PHE A 12 -4.85 -2.02 -6.98
C PHE A 12 -4.64 -3.40 -6.36
N PRO A 13 -5.70 -4.18 -6.19
CA PRO A 13 -5.51 -5.55 -5.69
C PRO A 13 -4.61 -6.28 -6.66
N SER A 14 -3.66 -7.01 -6.12
CA SER A 14 -2.57 -7.54 -6.94
C SER A 14 -2.74 -9.00 -7.40
N GLY A 15 -3.84 -9.67 -7.02
CA GLY A 15 -3.96 -11.10 -7.30
C GLY A 15 -3.77 -11.50 -8.76
N LYS A 16 -4.41 -10.79 -9.69
CA LYS A 16 -4.33 -11.08 -11.11
C LYS A 16 -2.89 -11.04 -11.58
N VAL A 17 -2.06 -10.18 -10.99
CA VAL A 17 -0.67 -10.12 -11.39
C VAL A 17 0.14 -11.19 -10.68
N GLU A 18 -0.19 -11.47 -9.41
CA GLU A 18 0.54 -12.50 -8.67
C GLU A 18 0.52 -13.84 -9.42
N GLY A 19 -0.60 -14.16 -10.04
CA GLY A 19 -0.74 -15.44 -10.72
C GLY A 19 0.02 -15.49 -12.02
N CYS A 20 0.81 -14.45 -12.31
CA CYS A 20 1.64 -14.39 -13.49
C CYS A 20 3.12 -14.38 -13.20
N MET A 21 3.52 -14.33 -11.94
CA MET A 21 4.92 -14.09 -11.66
C MET A 21 5.65 -15.42 -11.59
N VAL A 22 6.86 -15.44 -12.13
CA VAL A 22 7.73 -16.62 -12.09
C VAL A 22 9.17 -16.19 -11.91
N GLN A 23 10.02 -17.17 -11.66
CA GLN A 23 11.43 -16.98 -11.43
C GLN A 23 12.17 -17.40 -12.69
N VAL A 24 13.13 -16.57 -13.09
CA VAL A 24 13.90 -16.77 -14.32
C VAL A 24 15.35 -16.69 -13.92
N THR A 25 16.13 -17.71 -14.32
CA THR A 25 17.52 -17.79 -13.94
C THR A 25 18.36 -18.07 -15.17
N CYS A 26 19.49 -17.38 -15.24
CA CYS A 26 20.50 -17.58 -16.27
C CYS A 26 21.86 -17.37 -15.61
N GLY A 27 22.66 -18.43 -15.52
CA GLY A 27 23.95 -18.30 -14.83
C GLY A 27 23.77 -18.07 -13.35
N THR A 28 24.53 -17.12 -12.79
CA THR A 28 24.42 -16.76 -11.39
C THR A 28 23.46 -15.61 -11.16
N THR A 29 22.50 -15.41 -12.06
CA THR A 29 21.58 -14.29 -11.95
C THR A 29 20.14 -14.80 -11.93
N THR A 30 19.38 -14.37 -10.92
CA THR A 30 17.99 -14.77 -10.78
C THR A 30 17.16 -13.50 -10.63
N LEU A 31 16.11 -13.38 -11.43
CA LEU A 31 15.16 -12.28 -11.25
C LEU A 31 13.76 -12.80 -11.59
N ASN A 32 12.80 -11.88 -11.68
CA ASN A 32 11.41 -12.26 -11.92
C ASN A 32 11.03 -12.17 -13.40
N GLY A 33 10.10 -13.03 -13.81
CA GLY A 33 9.39 -12.87 -15.06
C GLY A 33 7.88 -12.82 -14.95
N LEU A 34 7.26 -12.29 -16.01
CA LEU A 34 5.83 -12.14 -16.15
C LEU A 34 5.39 -13.14 -17.21
N TRP A 35 4.57 -14.11 -16.79
CA TRP A 35 4.13 -15.27 -17.60
C TRP A 35 2.70 -15.00 -18.04
N LEU A 36 2.54 -14.60 -19.30
CA LEU A 36 1.25 -14.35 -19.91
C LEU A 36 1.08 -15.27 -21.11
N ASP A 37 -0.01 -16.02 -21.13
CA ASP A 37 -0.26 -17.01 -22.21
C ASP A 37 0.96 -17.94 -22.20
N ASP A 38 1.62 -18.17 -23.34
CA ASP A 38 2.77 -19.06 -23.40
C ASP A 38 4.10 -18.29 -23.46
N VAL A 39 4.13 -17.04 -22.98
CA VAL A 39 5.34 -16.23 -23.04
C VAL A 39 5.69 -15.71 -21.66
N VAL A 40 6.98 -15.73 -21.34
CA VAL A 40 7.51 -15.13 -20.12
C VAL A 40 8.36 -13.91 -20.51
N TYR A 41 8.05 -12.75 -19.91
CA TYR A 41 8.73 -11.49 -20.16
C TYR A 41 9.63 -11.16 -18.97
N CYS A 42 10.87 -10.77 -19.23
CA CYS A 42 11.76 -10.40 -18.15
C CYS A 42 12.82 -9.47 -18.67
N PRO A 43 13.56 -8.80 -17.78
CA PRO A 43 14.64 -7.92 -18.25
C PRO A 43 15.75 -8.74 -18.91
N ARG A 44 16.27 -8.20 -20.02
CA ARG A 44 17.32 -8.91 -20.77
C ARG A 44 18.64 -8.97 -20.02
N HIS A 45 18.88 -8.06 -19.07
CA HIS A 45 20.15 -8.06 -18.39
C HIS A 45 20.35 -9.28 -17.50
N VAL A 46 19.39 -10.21 -17.46
CA VAL A 46 19.62 -11.47 -16.78
C VAL A 46 20.69 -12.27 -17.50
N ILE A 47 20.86 -12.06 -18.81
CA ILE A 47 21.82 -12.87 -19.57
C ILE A 47 23.25 -12.42 -19.35
N CYS A 48 23.46 -11.37 -18.56
CA CYS A 48 24.77 -10.76 -18.37
C CYS A 48 25.52 -11.41 -17.21
N THR A 49 26.84 -11.47 -17.35
CA THR A 49 27.72 -11.77 -16.25
C THR A 49 28.17 -10.49 -15.59
N SER A 50 28.96 -10.61 -14.52
CA SER A 50 29.60 -9.45 -13.94
C SER A 50 30.30 -8.63 -15.02
N GLU A 51 31.20 -9.27 -15.79
CA GLU A 51 31.97 -8.56 -16.80
C GLU A 51 31.04 -7.94 -17.85
N ASP A 52 30.10 -8.73 -18.38
CA ASP A 52 29.20 -8.25 -19.41
C ASP A 52 28.56 -6.93 -19.00
N MET A 53 28.07 -6.85 -17.75
CA MET A 53 27.18 -5.77 -17.35
C MET A 53 27.77 -4.40 -17.63
N LEU A 54 29.09 -4.28 -17.70
CA LEU A 54 29.68 -2.95 -17.83
C LEU A 54 29.44 -2.35 -19.21
N ASN A 55 29.40 -3.18 -20.27
CA ASN A 55 29.13 -2.69 -21.62
C ASN A 55 28.57 -3.83 -22.45
N PRO A 56 27.34 -4.26 -22.18
CA PRO A 56 26.80 -5.48 -22.78
C PRO A 56 26.37 -5.26 -24.22
N ASN A 57 26.96 -6.03 -25.14
CA ASN A 57 26.45 -6.05 -26.52
C ASN A 57 25.36 -7.10 -26.56
N TYR A 58 24.14 -6.68 -26.18
CA TYR A 58 23.06 -7.63 -25.97
C TYR A 58 22.76 -8.51 -27.20
N GLU A 59 22.69 -7.94 -28.41
CA GLU A 59 22.45 -8.82 -29.56
C GLU A 59 23.49 -9.93 -29.62
N ASP A 60 24.74 -9.58 -29.32
CA ASP A 60 25.86 -10.50 -29.34
C ASP A 60 25.75 -11.54 -28.22
N LEU A 61 25.49 -11.09 -27.00
CA LEU A 61 25.35 -12.02 -25.88
C LEU A 61 24.16 -12.93 -26.09
N LEU A 62 23.06 -12.40 -26.64
CA LEU A 62 21.83 -13.19 -26.76
C LEU A 62 21.98 -14.34 -27.76
N ILE A 63 22.66 -14.12 -28.88
CA ILE A 63 22.76 -15.15 -29.91
C ILE A 63 23.55 -16.37 -29.41
N ARG A 64 24.43 -16.16 -28.43
CA ARG A 64 25.26 -17.21 -27.87
C ARG A 64 24.52 -18.07 -26.84
N LYS A 65 23.26 -17.76 -26.53
CA LYS A 65 22.49 -18.49 -25.53
C LYS A 65 21.55 -19.49 -26.20
N SER A 66 21.34 -20.62 -25.54
CA SER A 66 20.35 -21.61 -25.95
C SER A 66 19.12 -21.52 -25.06
N ASN A 67 17.99 -22.00 -25.58
CA ASN A 67 16.78 -22.11 -24.76
C ASN A 67 17.09 -22.76 -23.41
N HIS A 68 17.91 -23.81 -23.41
CA HIS A 68 18.19 -24.52 -22.17
C HIS A 68 19.08 -23.74 -21.21
N ASN A 69 19.62 -22.59 -21.61
CA ASN A 69 20.35 -21.79 -20.64
C ASN A 69 19.40 -20.99 -19.74
N PHE A 70 18.11 -20.98 -20.05
CA PHE A 70 17.12 -20.26 -19.25
C PHE A 70 16.34 -21.24 -18.41
N LEU A 71 16.48 -21.11 -17.08
CA LEU A 71 15.71 -21.88 -16.13
C LEU A 71 14.55 -21.01 -15.65
N VAL A 72 13.33 -21.44 -15.97
CA VAL A 72 12.10 -20.76 -15.56
C VAL A 72 11.36 -21.67 -14.60
N GLN A 73 11.02 -21.15 -13.41
CA GLN A 73 10.25 -21.94 -12.44
C GLN A 73 8.98 -21.22 -12.05
N ALA A 74 7.87 -21.94 -12.09
CA ALA A 74 6.59 -21.50 -11.56
C ALA A 74 6.31 -22.36 -10.33
N GLY A 75 6.72 -21.87 -9.17
CA GLY A 75 6.57 -22.67 -7.96
C GLY A 75 7.52 -23.85 -8.00
N ASN A 76 6.99 -25.05 -7.76
CA ASN A 76 7.82 -26.24 -7.85
C ASN A 76 8.20 -26.52 -9.28
N VAL A 77 7.34 -26.14 -10.22
CA VAL A 77 7.40 -26.63 -11.58
C VAL A 77 8.39 -25.80 -12.39
N GLN A 78 9.21 -26.50 -13.18
CA GLN A 78 10.05 -25.87 -14.19
C GLN A 78 9.25 -25.80 -15.48
N LEU A 79 9.32 -24.66 -16.16
CA LEU A 79 8.68 -24.50 -17.46
C LEU A 79 9.75 -24.65 -18.53
N ARG A 80 9.41 -25.34 -19.61
CA ARG A 80 10.36 -25.63 -20.67
C ARG A 80 10.36 -24.49 -21.67
N VAL A 81 11.51 -23.84 -21.82
CA VAL A 81 11.70 -22.76 -22.80
C VAL A 81 11.89 -23.38 -24.18
N ILE A 82 10.96 -23.08 -25.09
CA ILE A 82 11.00 -23.59 -26.45
C ILE A 82 11.37 -22.50 -27.45
N GLY A 83 11.85 -21.36 -26.98
CA GLY A 83 12.25 -20.30 -27.88
C GLY A 83 12.50 -19.02 -27.10
N HIS A 84 13.39 -18.17 -27.61
CA HIS A 84 13.71 -16.91 -26.95
C HIS A 84 13.91 -15.83 -28.00
N SER A 85 13.51 -14.60 -27.65
CA SER A 85 13.86 -13.44 -28.45
C SER A 85 13.89 -12.22 -27.55
N MET A 86 14.20 -11.09 -28.16
CA MET A 86 14.45 -9.85 -27.44
C MET A 86 13.66 -8.74 -28.10
N GLN A 87 12.90 -7.96 -27.32
CA GLN A 87 12.23 -6.77 -27.82
C GLN A 87 12.74 -5.60 -26.98
N ASN A 88 13.60 -4.79 -27.57
CA ASN A 88 14.25 -3.70 -26.85
C ASN A 88 14.93 -4.30 -25.60
N CYS A 89 14.67 -3.80 -24.40
CA CYS A 89 15.33 -4.29 -23.19
C CYS A 89 14.58 -5.44 -22.50
N VAL A 90 13.54 -6.00 -23.12
CA VAL A 90 12.86 -7.15 -22.53
C VAL A 90 13.16 -8.39 -23.33
N LEU A 91 13.46 -9.44 -22.61
CA LEU A 91 13.63 -10.78 -23.14
C LEU A 91 12.29 -11.47 -23.10
N LYS A 92 11.94 -12.14 -24.20
CA LYS A 92 10.72 -12.92 -24.27
C LYS A 92 11.10 -14.38 -24.39
N LEU A 93 10.59 -15.19 -23.45
CA LEU A 93 10.83 -16.63 -23.37
C LEU A 93 9.54 -17.36 -23.72
N LYS A 94 9.56 -18.07 -24.85
CA LYS A 94 8.43 -18.91 -25.22
C LYS A 94 8.54 -20.18 -24.41
N VAL A 95 7.42 -20.59 -23.80
CA VAL A 95 7.39 -21.80 -23.00
C VAL A 95 6.33 -22.76 -23.54
N ASP A 96 6.54 -24.04 -23.26
CA ASP A 96 5.66 -25.06 -23.82
C ASP A 96 4.26 -25.02 -23.23
N THR A 97 4.04 -24.31 -22.12
CA THR A 97 2.73 -24.37 -21.50
C THR A 97 2.17 -22.98 -21.24
N ALA A 98 0.85 -22.87 -21.37
CA ALA A 98 0.15 -21.61 -21.19
C ALA A 98 -0.20 -21.41 -19.73
N ASN A 99 -0.12 -20.15 -19.28
CA ASN A 99 -0.53 -19.83 -17.92
C ASN A 99 -2.05 -19.79 -17.81
N PRO A 100 -2.67 -20.73 -17.10
CA PRO A 100 -4.12 -20.69 -17.01
C PRO A 100 -4.62 -19.50 -16.20
N LYS A 101 -3.76 -18.87 -15.40
CA LYS A 101 -4.18 -17.71 -14.60
C LYS A 101 -3.98 -16.40 -15.35
N THR A 102 -3.70 -16.46 -16.65
CA THR A 102 -3.47 -15.26 -17.45
C THR A 102 -4.72 -14.39 -17.47
N PRO A 103 -4.65 -13.15 -17.03
CA PRO A 103 -5.85 -12.31 -17.03
C PRO A 103 -6.04 -11.62 -18.37
N LYS A 104 -7.20 -11.00 -18.51
CA LYS A 104 -7.38 -10.01 -19.56
C LYS A 104 -6.36 -8.89 -19.34
N TYR A 105 -5.54 -8.60 -20.36
CA TYR A 105 -4.47 -7.63 -20.16
C TYR A 105 -4.20 -6.82 -21.42
N LYS A 106 -3.48 -5.72 -21.22
CA LYS A 106 -2.90 -4.92 -22.28
C LYS A 106 -1.56 -4.37 -21.82
N PHE A 107 -0.74 -3.97 -22.77
CA PHE A 107 0.53 -3.29 -22.51
C PHE A 107 0.34 -1.83 -22.85
N VAL A 108 0.62 -0.95 -21.90
CA VAL A 108 0.55 0.48 -22.20
C VAL A 108 1.80 1.19 -21.73
N ARG A 109 2.04 2.33 -22.34
CA ARG A 109 3.09 3.24 -21.93
C ARG A 109 2.42 4.42 -21.23
N ILE A 110 2.71 4.60 -19.96
CA ILE A 110 2.09 5.70 -19.22
C ILE A 110 2.89 6.98 -19.43
N GLN A 111 2.22 8.12 -19.13
CA GLN A 111 2.82 9.45 -19.19
C GLN A 111 3.33 9.88 -17.83
N PRO A 112 4.30 10.76 -17.78
CA PRO A 112 4.74 11.23 -16.47
C PRO A 112 3.58 11.94 -15.78
N GLY A 113 3.51 11.75 -14.48
CA GLY A 113 2.40 12.24 -13.68
C GLY A 113 1.31 11.21 -13.44
N GLN A 114 1.21 10.17 -14.27
CA GLN A 114 0.29 9.06 -14.05
C GLN A 114 0.83 8.11 -12.98
N THR A 115 -0.09 7.43 -12.30
CA THR A 115 0.24 6.54 -11.21
C THR A 115 -0.04 5.09 -11.61
N PHE A 116 0.56 4.18 -10.86
CA PHE A 116 0.33 2.77 -11.11
C PHE A 116 0.74 2.00 -9.88
N SER A 117 0.28 0.76 -9.79
CA SER A 117 0.64 -0.11 -8.69
C SER A 117 1.85 -0.98 -9.05
N VAL A 118 2.73 -1.18 -8.08
CA VAL A 118 3.91 -2.01 -8.24
C VAL A 118 3.75 -3.23 -7.36
N LEU A 119 3.95 -4.43 -7.94
CA LEU A 119 4.00 -5.68 -7.20
C LEU A 119 5.46 -6.07 -7.14
N ALA A 120 6.06 -5.83 -6.00
CA ALA A 120 7.46 -6.13 -5.81
C ALA A 120 7.59 -7.61 -5.51
N CYS A 121 8.47 -8.28 -6.27
CA CYS A 121 8.72 -9.71 -6.19
C CYS A 121 10.21 -10.03 -6.07
N TYR A 122 10.52 -11.16 -5.44
CA TYR A 122 11.89 -11.65 -5.27
C TYR A 122 11.83 -13.15 -5.52
N ASN A 123 12.77 -13.67 -6.33
CA ASN A 123 12.81 -15.08 -6.70
C ASN A 123 11.47 -15.59 -7.19
N GLY A 124 10.75 -14.72 -7.91
CA GLY A 124 9.49 -15.08 -8.50
C GLY A 124 8.32 -15.06 -7.54
N SER A 125 8.53 -14.69 -6.28
CA SER A 125 7.49 -14.64 -5.26
C SER A 125 7.09 -13.21 -4.91
N PRO A 126 5.80 -12.90 -4.98
CA PRO A 126 5.32 -11.59 -4.54
C PRO A 126 5.65 -11.31 -3.08
N SER A 127 6.16 -10.09 -2.81
CA SER A 127 6.49 -9.66 -1.46
C SER A 127 5.70 -8.45 -0.97
N GLY A 128 5.36 -7.51 -1.84
CA GLY A 128 4.59 -6.35 -1.40
C GLY A 128 3.99 -5.58 -2.56
N VAL A 129 3.04 -4.71 -2.24
CA VAL A 129 2.38 -3.91 -3.26
CA VAL A 129 2.33 -3.92 -3.24
C VAL A 129 2.28 -2.47 -2.79
N TYR A 130 2.54 -1.55 -3.71
CA TYR A 130 2.45 -0.13 -3.38
C TYR A 130 2.18 0.66 -4.64
N GLN A 131 1.77 1.91 -4.42
CA GLN A 131 1.45 2.86 -5.46
C GLN A 131 2.60 3.83 -5.72
N CYS A 132 2.86 4.04 -7.00
CA CYS A 132 3.98 4.89 -7.45
C CYS A 132 3.48 5.80 -8.56
N ALA A 133 4.23 6.83 -8.89
CA ALA A 133 3.95 7.68 -10.03
C ALA A 133 5.16 7.70 -10.96
N MET A 134 4.90 7.77 -12.25
CA MET A 134 5.97 8.09 -13.18
C MET A 134 6.39 9.54 -12.97
N ARG A 135 7.58 9.77 -12.41
CA ARG A 135 8.06 11.14 -12.18
C ARG A 135 8.21 11.91 -13.50
N PRO A 136 8.19 13.24 -13.44
CA PRO A 136 8.39 13.99 -14.70
C PRO A 136 9.74 13.74 -15.33
N ASN A 137 10.78 13.37 -14.57
CA ASN A 137 12.08 13.01 -15.11
C ASN A 137 12.20 11.50 -15.43
N PHE A 138 11.07 10.79 -15.46
CA PHE A 138 10.97 9.39 -15.86
C PHE A 138 11.66 8.42 -14.92
N THR A 139 11.96 8.83 -13.70
CA THR A 139 12.25 7.88 -12.65
C THR A 139 10.96 7.53 -11.89
N ILE A 140 11.04 6.51 -11.03
CA ILE A 140 9.99 6.23 -10.07
C ILE A 140 10.64 6.08 -8.69
N LYS A 141 9.95 6.57 -7.67
CA LYS A 141 10.45 6.46 -6.31
C LYS A 141 9.85 5.16 -5.78
N GLY A 142 10.61 4.07 -5.92
CA GLY A 142 10.16 2.77 -5.50
C GLY A 142 10.92 2.23 -4.29
N SER A 143 10.52 1.03 -3.91
CA SER A 143 11.20 0.24 -2.89
C SER A 143 11.51 -1.07 -3.61
N PHE A 144 12.77 -1.18 -4.02
CA PHE A 144 13.22 -2.30 -4.84
C PHE A 144 14.60 -2.70 -4.34
N LEU A 145 14.77 -3.95 -4.00
CA LEU A 145 16.08 -4.45 -3.57
C LEU A 145 16.69 -5.32 -4.66
N ASN A 146 17.89 -5.83 -4.40
CA ASN A 146 18.44 -6.88 -5.24
C ASN A 146 17.41 -7.97 -5.45
N GLY A 147 17.32 -8.46 -6.68
CA GLY A 147 16.41 -9.52 -7.03
C GLY A 147 15.06 -9.04 -7.47
N SER A 148 14.80 -7.74 -7.39
CA SER A 148 13.48 -7.19 -7.71
C SER A 148 13.25 -7.01 -9.20
N CYS A 149 14.29 -7.08 -10.02
CA CYS A 149 14.10 -6.87 -11.45
C CYS A 149 13.08 -7.84 -12.03
N GLY A 150 12.25 -7.33 -12.95
CA GLY A 150 11.16 -8.09 -13.51
C GLY A 150 9.84 -7.89 -12.79
N SER A 151 9.89 -7.35 -11.57
CA SER A 151 8.67 -6.81 -10.95
C SER A 151 7.99 -5.84 -11.92
N VAL A 152 6.64 -5.83 -11.92
CA VAL A 152 5.92 -5.01 -12.88
C VAL A 152 5.03 -4.01 -12.17
N GLY A 153 4.75 -2.92 -12.88
CA GLY A 153 3.77 -1.94 -12.47
C GLY A 153 2.53 -2.04 -13.35
N PHE A 154 1.37 -1.68 -12.80
CA PHE A 154 0.14 -1.94 -13.53
C PHE A 154 -1.00 -1.12 -12.98
N ASN A 155 -2.05 -1.02 -13.80
CA ASN A 155 -3.35 -0.50 -13.41
C ASN A 155 -4.40 -1.54 -13.80
N ILE A 156 -5.57 -1.46 -13.18
CA ILE A 156 -6.65 -2.39 -13.50
C ILE A 156 -7.89 -1.58 -13.85
N ASP A 157 -8.46 -1.82 -15.03
CA ASP A 157 -9.69 -1.18 -15.47
C ASP A 157 -10.72 -2.29 -15.68
N TYR A 158 -11.72 -2.33 -14.82
CA TYR A 158 -12.71 -3.39 -14.85
C TYR A 158 -12.04 -4.74 -14.62
N ASP A 159 -12.00 -5.58 -15.66
CA ASP A 159 -11.39 -6.89 -15.56
C ASP A 159 -10.03 -6.94 -16.25
N CYS A 160 -9.52 -5.81 -16.73
CA CYS A 160 -8.33 -5.77 -17.58
C CYS A 160 -7.15 -5.18 -16.81
N VAL A 161 -6.02 -5.88 -16.87
CA VAL A 161 -4.77 -5.42 -16.27
C VAL A 161 -3.96 -4.76 -17.36
N SER A 162 -3.66 -3.46 -17.18
CA SER A 162 -2.81 -2.73 -18.09
C SER A 162 -1.41 -2.64 -17.49
N PHE A 163 -0.49 -3.39 -18.08
CA PHE A 163 0.88 -3.37 -17.61
C PHE A 163 1.60 -2.17 -18.21
N CYS A 164 2.28 -1.42 -17.37
CA CYS A 164 2.95 -0.22 -17.83
C CYS A 164 4.42 -0.15 -17.44
N TYR A 165 4.91 -0.99 -16.53
CA TYR A 165 6.29 -0.88 -16.07
C TYR A 165 6.87 -2.26 -15.78
N MET A 166 8.16 -2.39 -16.07
CA MET A 166 8.98 -3.51 -15.63
C MET A 166 10.28 -2.95 -15.09
N HIS A 167 10.69 -3.46 -13.95
CA HIS A 167 11.76 -2.85 -13.20
C HIS A 167 13.13 -3.39 -13.62
N HIS A 168 14.11 -2.47 -13.77
CA HIS A 168 15.45 -2.85 -14.26
C HIS A 168 16.60 -2.37 -13.37
N MET A 169 16.49 -1.25 -12.67
CA MET A 169 17.68 -0.68 -12.06
C MET A 169 17.37 0.38 -11.02
N GLU A 170 18.40 0.65 -10.21
CA GLU A 170 18.41 1.73 -9.21
C GLU A 170 19.47 2.75 -9.60
N LEU A 171 19.18 3.99 -9.41
CA LEU A 171 20.15 5.05 -9.65
C LEU A 171 20.85 5.42 -8.35
N PRO A 172 21.98 6.12 -8.41
CA PRO A 172 22.74 6.41 -7.18
C PRO A 172 21.95 7.23 -6.15
N THR A 173 20.98 8.03 -6.59
CA THR A 173 20.16 8.82 -5.69
C THR A 173 19.11 7.97 -4.98
N GLY A 174 19.01 6.71 -5.33
CA GLY A 174 18.09 5.78 -4.71
C GLY A 174 16.73 5.72 -5.37
N VAL A 175 16.51 6.41 -6.48
CA VAL A 175 15.26 6.25 -7.23
C VAL A 175 15.47 5.11 -8.24
N HIS A 176 14.45 4.80 -9.03
CA HIS A 176 14.45 3.61 -9.85
C HIS A 176 14.07 3.91 -11.29
N ALA A 177 14.55 3.06 -12.19
CA ALA A 177 14.24 3.19 -13.60
C ALA A 177 13.93 1.83 -14.22
N GLY A 178 13.16 1.86 -15.30
CA GLY A 178 12.69 0.68 -15.96
C GLY A 178 12.02 1.02 -17.26
N THR A 179 11.39 -0.01 -17.83
CA THR A 179 10.81 0.03 -19.16
C THR A 179 9.32 -0.21 -19.13
N ASP A 180 8.70 0.06 -20.26
CA ASP A 180 7.37 -0.46 -20.54
C ASP A 180 7.52 -1.92 -20.99
N LEU A 181 6.41 -2.56 -21.28
CA LEU A 181 6.49 -3.99 -21.55
C LEU A 181 6.84 -4.26 -23.01
N GLU A 182 7.07 -3.20 -23.79
CA GLU A 182 7.77 -3.32 -25.05
C GLU A 182 9.26 -3.20 -24.88
N GLY A 183 9.76 -3.01 -23.67
CA GLY A 183 11.17 -2.95 -23.44
C GLY A 183 11.82 -1.59 -23.64
N ASN A 184 11.04 -0.53 -23.83
CA ASN A 184 11.60 0.80 -23.99
C ASN A 184 11.69 1.48 -22.63
N PHE A 185 12.89 1.97 -22.28
CA PHE A 185 12.99 2.69 -21.03
C PHE A 185 12.09 3.93 -20.99
N TYR A 186 11.62 4.20 -19.80
CA TYR A 186 11.20 5.53 -19.42
C TYR A 186 12.46 6.32 -19.07
N GLY A 187 12.68 7.39 -19.80
CA GLY A 187 13.80 8.25 -19.53
C GLY A 187 15.08 7.86 -20.23
N PRO A 188 16.11 8.64 -19.95
CA PRO A 188 17.36 8.54 -20.71
C PRO A 188 18.29 7.48 -20.18
N PHE A 189 17.75 6.39 -19.66
CA PHE A 189 18.59 5.40 -18.98
C PHE A 189 18.87 4.22 -19.89
N VAL A 190 19.91 3.47 -19.52
CA VAL A 190 20.38 2.32 -20.26
C VAL A 190 20.63 1.16 -19.31
N ASP A 191 20.35 -0.06 -19.77
CA ASP A 191 20.54 -1.24 -18.94
C ASP A 191 22.00 -1.72 -19.05
N ARG A 192 22.88 -0.88 -18.50
CA ARG A 192 24.28 -1.19 -18.28
C ARG A 192 24.71 -0.76 -16.88
N GLN A 193 25.67 -1.48 -16.30
CA GLN A 193 26.10 -1.25 -14.92
C GLN A 193 27.03 -0.04 -14.90
N THR A 194 26.43 1.15 -14.97
CA THR A 194 27.11 2.44 -14.85
C THR A 194 26.29 3.37 -13.98
N ALA A 195 26.95 4.35 -13.36
CA ALA A 195 26.23 5.32 -12.58
C ALA A 195 25.53 6.29 -13.53
N GLN A 196 24.23 6.42 -13.37
CA GLN A 196 23.44 7.28 -14.22
C GLN A 196 22.62 8.22 -13.38
N ALA A 197 22.61 9.47 -13.78
CA ALA A 197 21.83 10.50 -13.12
C ALA A 197 20.62 10.82 -13.97
N ALA A 198 19.55 11.26 -13.32
CA ALA A 198 18.37 11.66 -14.05
C ALA A 198 18.38 13.16 -14.27
N GLY A 199 17.51 13.62 -15.15
CA GLY A 199 17.26 15.04 -15.21
C GLY A 199 16.71 15.54 -13.88
N THR A 200 16.75 16.85 -13.68
CA THR A 200 16.19 17.38 -12.45
C THR A 200 14.69 17.12 -12.42
N ASP A 201 14.24 16.62 -11.30
CA ASP A 201 12.83 16.31 -11.16
C ASP A 201 12.04 17.58 -10.90
N THR A 202 10.76 17.50 -11.21
CA THR A 202 9.79 18.55 -10.90
C THR A 202 8.60 17.91 -10.22
N THR A 203 7.79 18.73 -9.54
CA THR A 203 6.65 18.23 -8.79
C THR A 203 5.42 18.20 -9.68
N ILE A 204 4.60 17.17 -9.53
CA ILE A 204 3.42 16.99 -10.39
C ILE A 204 2.28 17.84 -9.84
N THR A 205 2.11 19.03 -10.42
CA THR A 205 1.23 20.05 -9.85
C THR A 205 -0.23 19.62 -9.84
N VAL A 206 -0.70 19.06 -10.94
CA VAL A 206 -2.10 18.66 -11.00
C VAL A 206 -2.40 17.63 -9.91
N ASN A 207 -1.40 16.83 -9.52
CA ASN A 207 -1.62 15.87 -8.44
C ASN A 207 -1.59 16.53 -7.08
N VAL A 208 -0.72 17.53 -6.90
CA VAL A 208 -0.73 18.27 -5.63
C VAL A 208 -2.09 18.92 -5.44
N LEU A 209 -2.67 19.43 -6.52
CA LEU A 209 -3.99 20.05 -6.41
C LEU A 209 -5.05 19.01 -6.11
N ALA A 210 -4.99 17.86 -6.77
CA ALA A 210 -5.92 16.78 -6.41
C ALA A 210 -5.84 16.47 -4.92
N TRP A 211 -4.62 16.42 -4.38
CA TRP A 211 -4.47 16.04 -2.98
C TRP A 211 -4.96 17.13 -2.04
N LEU A 212 -4.78 18.41 -2.42
CA LEU A 212 -5.36 19.49 -1.62
C LEU A 212 -6.87 19.38 -1.57
N TYR A 213 -7.50 19.04 -2.70
CA TYR A 213 -8.94 18.81 -2.70
C TYR A 213 -9.32 17.65 -1.79
N ALA A 214 -8.53 16.57 -1.81
CA ALA A 214 -8.78 15.47 -0.87
C ALA A 214 -8.72 15.95 0.57
N ALA A 215 -7.77 16.84 0.90
CA ALA A 215 -7.64 17.28 2.28
C ALA A 215 -8.86 18.08 2.68
N VAL A 216 -9.47 18.76 1.71
CA VAL A 216 -10.69 19.51 1.96
C VAL A 216 -11.85 18.55 2.18
N ILE A 217 -12.04 17.61 1.25
CA ILE A 217 -13.09 16.60 1.35
C ILE A 217 -13.08 15.90 2.71
N ASN A 218 -11.89 15.69 3.28
CA ASN A 218 -11.75 15.11 4.61
C ASN A 218 -11.66 16.17 5.71
N GLY A 219 -12.11 17.40 5.43
CA GLY A 219 -12.29 18.39 6.48
C GLY A 219 -11.07 19.17 6.90
N ASP A 220 -10.04 19.20 6.08
CA ASP A 220 -8.79 19.86 6.39
C ASP A 220 -8.66 21.02 5.40
N ARG A 221 -8.81 22.27 5.89
CA ARG A 221 -8.84 23.44 4.98
C ARG A 221 -8.02 24.65 5.48
N TRP A 222 -7.03 24.44 6.34
CA TRP A 222 -6.33 25.58 6.90
C TRP A 222 -5.55 26.36 5.86
N PHE A 223 -5.12 25.70 4.78
CA PHE A 223 -4.31 26.26 3.71
C PHE A 223 -5.12 27.08 2.69
N LEU A 224 -6.46 26.98 2.70
CA LEU A 224 -7.28 27.77 1.79
C LEU A 224 -7.08 29.28 2.05
N ASN A 225 -7.46 30.07 1.05
CA ASN A 225 -7.42 31.52 1.20
C ASN A 225 -8.48 32.13 0.29
N ARG A 226 -8.80 33.40 0.55
CA ARG A 226 -9.84 34.09 -0.18
C ARG A 226 -9.36 34.61 -1.53
N PHE A 227 -8.08 34.49 -1.83
CA PHE A 227 -7.48 35.05 -3.03
C PHE A 227 -7.66 34.13 -4.23
N THR A 228 -7.35 34.66 -5.41
CA THR A 228 -7.44 33.91 -6.65
C THR A 228 -6.26 34.29 -7.53
N THR A 229 -6.17 33.67 -8.70
CA THR A 229 -5.03 33.84 -9.58
C THR A 229 -5.42 33.44 -10.99
N THR A 230 -4.71 34.01 -11.95
CA THR A 230 -4.88 33.55 -13.30
C THR A 230 -4.07 32.30 -13.49
N LEU A 231 -4.42 31.56 -14.53
CA LEU A 231 -3.69 30.33 -14.82
C LEU A 231 -2.24 30.64 -15.14
N ASN A 232 -2.01 31.67 -15.94
CA ASN A 232 -0.63 31.92 -16.35
C ASN A 232 0.20 32.44 -15.17
N ASP A 233 -0.40 33.29 -14.34
CA ASP A 233 0.34 33.79 -13.19
C ASP A 233 0.63 32.69 -12.19
N PHE A 234 -0.29 31.73 -12.05
CA PHE A 234 0.04 30.58 -11.22
C PHE A 234 1.21 29.81 -11.84
N ASN A 235 1.12 29.53 -13.14
CA ASN A 235 2.17 28.76 -13.81
C ASN A 235 3.52 29.47 -13.71
N LEU A 236 3.54 30.80 -13.72
CA LEU A 236 4.83 31.49 -13.57
C LEU A 236 5.47 31.14 -12.23
N VAL A 237 4.68 31.16 -11.17
CA VAL A 237 5.19 30.86 -9.83
C VAL A 237 5.52 29.39 -9.70
N ALA A 238 4.67 28.54 -10.27
CA ALA A 238 4.91 27.10 -10.24
C ALA A 238 6.28 26.76 -10.81
N MET A 239 6.59 27.27 -12.00
CA MET A 239 7.84 26.90 -12.63
C MET A 239 9.03 27.41 -11.85
N LYS A 240 8.88 28.59 -11.25
CA LYS A 240 9.93 29.11 -10.39
C LYS A 240 10.34 28.10 -9.32
N TYR A 241 9.37 27.38 -8.75
CA TYR A 241 9.60 26.42 -7.68
C TYR A 241 9.75 24.98 -8.18
N ASN A 242 10.05 24.81 -9.47
CA ASN A 242 10.20 23.49 -10.10
C ASN A 242 8.96 22.63 -9.93
N TYR A 243 7.81 23.25 -10.11
CA TYR A 243 6.54 22.55 -10.27
C TYR A 243 6.15 22.55 -11.75
N GLU A 244 5.56 21.45 -12.20
CA GLU A 244 5.07 21.38 -13.58
C GLU A 244 4.01 22.45 -13.79
N PRO A 245 3.96 23.06 -14.96
CA PRO A 245 2.86 23.98 -15.24
C PRO A 245 1.58 23.20 -15.42
N LEU A 246 0.49 23.88 -15.15
CA LEU A 246 -0.84 23.32 -15.19
C LEU A 246 -1.45 23.66 -16.55
N THR A 247 -1.95 22.66 -17.24
CA THR A 247 -2.59 22.86 -18.54
C THR A 247 -4.10 22.98 -18.36
N GLN A 248 -4.77 23.46 -19.40
CA GLN A 248 -6.24 23.55 -19.32
C GLN A 248 -6.85 22.16 -19.24
N ASP A 249 -6.22 21.16 -19.85
CA ASP A 249 -6.68 19.79 -19.65
C ASP A 249 -6.59 19.40 -18.18
N HIS A 250 -5.53 19.84 -17.48
CA HIS A 250 -5.44 19.61 -16.04
C HIS A 250 -6.56 20.32 -15.30
N VAL A 251 -6.84 21.58 -15.65
CA VAL A 251 -7.95 22.29 -15.01
C VAL A 251 -9.23 21.48 -15.16
N ASP A 252 -9.47 21.00 -16.39
CA ASP A 252 -10.71 20.31 -16.69
C ASP A 252 -10.83 19.03 -15.87
N ILE A 253 -9.73 18.26 -15.82
CA ILE A 253 -9.69 17.02 -15.05
C ILE A 253 -10.02 17.25 -13.60
N LEU A 254 -9.79 18.45 -13.11
CA LEU A 254 -9.98 18.75 -11.70
C LEU A 254 -11.40 19.17 -11.39
N GLY A 255 -12.26 19.27 -12.42
CA GLY A 255 -13.60 19.80 -12.27
C GLY A 255 -14.44 19.10 -11.22
N PRO A 256 -14.55 17.77 -11.33
CA PRO A 256 -15.36 17.03 -10.36
C PRO A 256 -14.98 17.31 -8.92
N LEU A 257 -13.68 17.37 -8.64
CA LEU A 257 -13.25 17.75 -7.30
C LEU A 257 -13.62 19.18 -7.01
N SER A 258 -13.48 20.05 -8.01
CA SER A 258 -13.92 21.43 -7.85
C SER A 258 -15.40 21.49 -7.53
N ALA A 259 -16.22 20.87 -8.37
CA ALA A 259 -17.67 20.83 -8.14
C ALA A 259 -17.98 20.30 -6.74
N GLN A 260 -17.44 19.12 -6.43
CA GLN A 260 -17.79 18.43 -5.19
C GLN A 260 -17.50 19.28 -3.96
N THR A 261 -16.50 20.14 -4.02
CA THR A 261 -16.11 20.93 -2.85
C THR A 261 -16.52 22.38 -2.95
N GLY A 262 -16.93 22.83 -4.12
CA GLY A 262 -17.28 24.23 -4.30
C GLY A 262 -16.10 25.16 -4.29
N ILE A 263 -14.94 24.67 -4.74
CA ILE A 263 -13.71 25.45 -4.73
C ILE A 263 -13.18 25.47 -6.15
N ALA A 264 -13.22 26.64 -6.77
CA ALA A 264 -12.76 26.75 -8.15
C ALA A 264 -11.31 26.33 -8.25
N VAL A 265 -10.96 25.73 -9.38
CA VAL A 265 -9.59 25.26 -9.55
C VAL A 265 -8.62 26.41 -9.32
N LEU A 266 -8.87 27.55 -9.94
CA LEU A 266 -7.93 28.65 -9.81
C LEU A 266 -7.89 29.20 -8.40
N ASP A 267 -8.95 29.00 -7.60
CA ASP A 267 -8.85 29.31 -6.18
C ASP A 267 -7.88 28.37 -5.48
N MET A 268 -7.97 27.08 -5.79
CA MET A 268 -7.03 26.14 -5.18
C MET A 268 -5.60 26.46 -5.60
N CYS A 269 -5.41 26.87 -6.87
CA CYS A 269 -4.10 27.32 -7.34
C CYS A 269 -3.59 28.49 -6.53
N ALA A 270 -4.47 29.43 -6.19
CA ALA A 270 -4.08 30.53 -5.33
C ALA A 270 -3.66 30.02 -3.95
N SER A 271 -4.35 28.99 -3.44
CA SER A 271 -3.91 28.40 -2.17
C SER A 271 -2.51 27.77 -2.29
N LEU A 272 -2.30 26.97 -3.35
CA LEU A 272 -1.00 26.32 -3.53
C LEU A 272 0.11 27.35 -3.72
N LYS A 273 -0.16 28.43 -4.44
CA LYS A 273 0.85 29.48 -4.58
C LYS A 273 1.26 30.00 -3.21
N GLU A 274 0.29 30.18 -2.31
CA GLU A 274 0.62 30.68 -0.98
C GLU A 274 1.48 29.68 -0.21
N LEU A 275 1.13 28.38 -0.30
CA LEU A 275 1.97 27.34 0.31
C LEU A 275 3.37 27.32 -0.28
N LEU A 276 3.50 27.43 -1.60
CA LEU A 276 4.84 27.45 -2.19
C LEU A 276 5.65 28.64 -1.70
N GLN A 277 5.01 29.79 -1.53
CA GLN A 277 5.78 30.98 -1.19
C GLN A 277 6.08 31.07 0.30
N ASN A 278 5.17 30.59 1.16
CA ASN A 278 5.34 30.70 2.62
C ASN A 278 5.78 29.42 3.30
N GLY A 279 5.44 28.26 2.72
CA GLY A 279 5.64 27.00 3.39
C GLY A 279 4.46 26.64 4.25
N MET A 280 4.62 25.56 5.03
CA MET A 280 3.54 25.01 5.82
C MET A 280 3.51 25.53 7.26
N ASN A 281 4.47 26.35 7.66
CA ASN A 281 4.45 27.01 8.97
C ASN A 281 4.43 25.99 10.10
N GLY A 282 4.92 24.78 9.84
CA GLY A 282 4.87 23.71 10.80
C GLY A 282 3.64 22.84 10.71
N ARG A 283 2.58 23.33 10.06
CA ARG A 283 1.38 22.53 9.96
C ARG A 283 1.62 21.34 9.05
N THR A 284 0.64 20.47 9.00
CA THR A 284 0.63 19.30 8.14
C THR A 284 -0.70 19.26 7.40
N ILE A 285 -0.68 18.64 6.23
CA ILE A 285 -1.89 18.35 5.46
C ILE A 285 -2.01 16.85 5.31
N LEU A 286 -3.18 16.31 5.71
CA LEU A 286 -3.46 14.88 5.68
C LEU A 286 -2.33 14.07 6.28
N GLY A 287 -1.72 14.62 7.34
CA GLY A 287 -0.62 13.98 8.04
C GLY A 287 0.76 14.34 7.55
N SER A 288 0.87 14.89 6.34
CA SER A 288 2.17 15.11 5.72
C SER A 288 2.72 16.49 6.01
N ALA A 289 4.04 16.56 6.20
CA ALA A 289 4.77 17.81 6.22
C ALA A 289 5.18 18.29 4.82
N LEU A 290 4.89 17.52 3.78
CA LEU A 290 5.30 17.85 2.43
C LEU A 290 4.10 17.75 1.51
N LEU A 291 4.13 18.52 0.42
CA LEU A 291 3.02 18.47 -0.53
C LEU A 291 3.13 17.20 -1.34
N GLU A 292 2.12 16.36 -1.27
CA GLU A 292 2.14 15.05 -1.90
C GLU A 292 1.73 15.17 -3.37
N ASP A 293 2.51 14.55 -4.30
CA ASP A 293 2.20 14.70 -5.73
C ASP A 293 2.06 13.37 -6.47
N GLU A 294 1.71 12.29 -5.76
CA GLU A 294 1.48 11.00 -6.40
C GLU A 294 0.06 10.47 -6.19
N PHE A 295 -0.92 11.39 -6.09
CA PHE A 295 -2.33 11.09 -6.32
C PHE A 295 -2.82 11.86 -7.54
N THR A 296 -3.31 11.16 -8.54
CA THR A 296 -3.96 11.82 -9.65
C THR A 296 -5.36 12.26 -9.26
N PRO A 297 -5.97 13.13 -10.07
CA PRO A 297 -7.39 13.46 -9.85
C PRO A 297 -8.30 12.26 -9.82
N PHE A 298 -8.06 11.27 -10.70
CA PHE A 298 -8.88 10.05 -10.72
C PHE A 298 -8.70 9.24 -9.44
N ASP A 299 -7.46 9.07 -9.00
CA ASP A 299 -7.20 8.42 -7.73
C ASP A 299 -8.03 9.04 -6.63
N VAL A 300 -7.93 10.36 -6.47
CA VAL A 300 -8.69 11.03 -5.41
C VAL A 300 -10.19 10.86 -5.64
N VAL A 301 -10.64 10.91 -6.90
CA VAL A 301 -12.08 10.83 -7.18
C VAL A 301 -12.60 9.45 -6.81
N ARG A 302 -11.97 8.40 -7.36
CA ARG A 302 -12.45 7.05 -7.11
C ARG A 302 -12.61 6.81 -5.62
N GLN A 303 -11.68 7.33 -4.83
CA GLN A 303 -11.60 7.02 -3.42
C GLN A 303 -12.45 7.93 -2.55
N CYS A 304 -13.14 8.93 -3.10
CA CYS A 304 -13.93 9.86 -2.29
C CYS A 304 -15.36 10.04 -2.83
N PHE B 7 11.38 5.22 2.31
CA PHE B 7 10.44 4.28 2.91
C PHE B 7 8.99 4.56 2.54
N ARG B 8 8.34 3.56 1.92
CA ARG B 8 6.94 3.65 1.58
C ARG B 8 6.11 2.75 2.49
N LYS B 9 4.85 3.11 2.72
CA LYS B 9 3.90 2.13 3.20
C LYS B 9 3.70 1.06 2.10
N MET B 10 4.06 -0.18 2.42
CA MET B 10 3.92 -1.32 1.52
C MET B 10 2.91 -2.33 2.07
N ALA B 11 1.93 -2.69 1.27
CA ALA B 11 0.95 -3.69 1.66
C ALA B 11 1.44 -5.08 1.25
N PHE B 12 0.86 -6.11 1.86
CA PHE B 12 1.11 -7.47 1.39
C PHE B 12 0.35 -7.70 0.09
N PRO B 13 0.85 -8.58 -0.78
CA PRO B 13 0.07 -8.95 -1.96
C PRO B 13 -1.26 -9.52 -1.48
N SER B 14 -2.32 -9.12 -2.16
CA SER B 14 -3.66 -9.32 -1.64
C SER B 14 -4.37 -10.53 -2.25
N GLY B 15 -3.70 -11.24 -3.15
CA GLY B 15 -4.37 -12.27 -3.94
C GLY B 15 -4.96 -13.39 -3.10
N LYS B 16 -4.22 -13.84 -2.08
CA LYS B 16 -4.72 -14.92 -1.24
C LYS B 16 -5.99 -14.52 -0.52
N VAL B 17 -6.16 -13.22 -0.24
CA VAL B 17 -7.36 -12.71 0.43
C VAL B 17 -8.45 -12.40 -0.59
N GLU B 18 -8.06 -11.92 -1.76
CA GLU B 18 -9.06 -11.66 -2.79
C GLU B 18 -9.85 -12.93 -3.06
N GLY B 19 -9.17 -14.07 -3.07
CA GLY B 19 -9.82 -15.35 -3.34
C GLY B 19 -10.76 -15.83 -2.25
N CYS B 20 -10.92 -15.05 -1.17
CA CYS B 20 -11.81 -15.36 -0.06
C CYS B 20 -12.94 -14.35 0.12
N MET B 21 -13.00 -13.31 -0.69
CA MET B 21 -14.04 -12.31 -0.51
C MET B 21 -15.34 -12.74 -1.18
N VAL B 22 -16.44 -12.58 -0.45
CA VAL B 22 -17.79 -12.76 -0.99
C VAL B 22 -18.67 -11.62 -0.53
N GLN B 23 -19.91 -11.60 -1.00
CA GLN B 23 -20.89 -10.65 -0.48
C GLN B 23 -22.00 -11.40 0.24
N VAL B 24 -22.55 -10.73 1.25
CA VAL B 24 -23.59 -11.27 2.11
C VAL B 24 -24.71 -10.24 2.13
N THR B 25 -25.92 -10.68 1.86
CA THR B 25 -27.06 -9.77 1.75
C THR B 25 -28.18 -10.32 2.60
N CYS B 26 -28.76 -9.43 3.40
CA CYS B 26 -30.03 -9.61 4.08
C CYS B 26 -30.94 -8.50 3.60
N GLY B 27 -32.06 -8.87 2.97
CA GLY B 27 -32.98 -7.90 2.40
C GLY B 27 -32.31 -7.07 1.35
N THR B 28 -32.08 -5.79 1.64
CA THR B 28 -31.29 -4.92 0.77
C THR B 28 -29.94 -4.55 1.39
N THR B 29 -29.63 -5.05 2.58
CA THR B 29 -28.38 -4.72 3.26
C THR B 29 -27.30 -5.67 2.79
N THR B 30 -26.29 -5.14 2.10
CA THR B 30 -25.23 -5.96 1.52
C THR B 30 -23.90 -5.51 2.08
N LEU B 31 -23.11 -6.44 2.57
CA LEU B 31 -21.72 -6.12 2.89
C LEU B 31 -20.89 -7.31 2.43
N ASN B 32 -19.63 -7.28 2.82
CA ASN B 32 -18.65 -8.27 2.41
C ASN B 32 -18.51 -9.33 3.49
N GLY B 33 -18.16 -10.55 3.05
CA GLY B 33 -17.83 -11.61 3.97
C GLY B 33 -16.55 -12.30 3.55
N LEU B 34 -16.01 -13.11 4.45
CA LEU B 34 -14.75 -13.81 4.27
C LEU B 34 -15.06 -15.30 4.25
N TRP B 35 -14.68 -15.95 3.16
CA TRP B 35 -15.07 -17.33 2.86
C TRP B 35 -13.83 -18.21 3.03
N LEU B 36 -13.77 -18.97 4.12
CA LEU B 36 -12.64 -19.84 4.41
C LEU B 36 -13.19 -21.24 4.66
N ASP B 37 -12.69 -22.23 3.93
CA ASP B 37 -13.25 -23.57 4.02
C ASP B 37 -14.75 -23.44 3.77
N ASP B 38 -15.62 -24.07 4.55
CA ASP B 38 -17.05 -23.94 4.34
C ASP B 38 -17.74 -22.98 5.33
N VAL B 39 -17.04 -21.93 5.78
CA VAL B 39 -17.67 -20.92 6.61
C VAL B 39 -17.47 -19.54 5.97
N VAL B 40 -18.50 -18.71 6.03
CA VAL B 40 -18.42 -17.29 5.68
C VAL B 40 -18.58 -16.45 6.95
N TYR B 41 -17.61 -15.57 7.17
CA TYR B 41 -17.57 -14.68 8.34
C TYR B 41 -17.96 -13.27 7.89
N CYS B 42 -18.84 -12.59 8.63
CA CYS B 42 -19.20 -11.23 8.24
C CYS B 42 -19.71 -10.47 9.47
N PRO B 43 -19.81 -9.14 9.39
CA PRO B 43 -20.35 -8.39 10.52
C PRO B 43 -21.80 -8.74 10.75
N ARG B 44 -22.16 -8.92 12.03
CA ARG B 44 -23.55 -9.28 12.32
C ARG B 44 -24.56 -8.21 11.94
N HIS B 45 -24.14 -6.94 11.75
CA HIS B 45 -25.17 -5.94 11.50
C HIS B 45 -25.75 -6.03 10.10
N VAL B 46 -25.32 -7.01 9.30
CA VAL B 46 -25.97 -7.24 8.03
C VAL B 46 -27.45 -7.59 8.26
N ILE B 47 -27.80 -8.12 9.44
CA ILE B 47 -29.17 -8.54 9.71
C ILE B 47 -30.07 -7.39 10.15
N CYS B 48 -29.49 -6.19 10.20
CA CYS B 48 -30.23 -5.02 10.69
C CYS B 48 -30.75 -4.14 9.57
N THR B 49 -32.05 -3.88 9.54
CA THR B 49 -32.56 -2.81 8.69
C THR B 49 -31.91 -1.49 9.12
N SER B 50 -31.81 -0.56 8.17
CA SER B 50 -31.29 0.77 8.47
C SER B 50 -31.85 1.30 9.79
N GLU B 51 -33.15 1.13 10.02
CA GLU B 51 -33.76 1.63 11.25
C GLU B 51 -33.45 0.74 12.44
N ASP B 52 -33.18 -0.54 12.20
CA ASP B 52 -32.73 -1.43 13.27
C ASP B 52 -31.40 -0.99 13.86
N MET B 53 -30.54 -0.38 13.04
CA MET B 53 -29.17 -0.08 13.48
C MET B 53 -29.17 0.99 14.55
N LEU B 54 -30.17 1.88 14.53
CA LEU B 54 -30.29 2.89 15.58
C LEU B 54 -30.18 2.25 16.95
N ASN B 55 -30.69 1.02 17.12
CA ASN B 55 -30.69 0.41 18.44
C ASN B 55 -31.00 -1.09 18.41
N PRO B 56 -30.07 -1.90 17.90
CA PRO B 56 -30.41 -3.28 17.55
C PRO B 56 -30.44 -4.21 18.75
N ASN B 57 -31.31 -5.20 18.66
CA ASN B 57 -31.33 -6.33 19.58
C ASN B 57 -30.94 -7.55 18.74
N TYR B 58 -29.65 -7.88 18.78
CA TYR B 58 -29.12 -8.83 17.82
C TYR B 58 -29.64 -10.23 18.04
N GLU B 59 -29.69 -10.66 19.29
CA GLU B 59 -30.20 -12.00 19.56
C GLU B 59 -31.65 -12.12 19.07
N ASP B 60 -32.47 -11.10 19.30
CA ASP B 60 -33.84 -11.17 18.82
C ASP B 60 -33.90 -11.10 17.32
N LEU B 61 -33.05 -10.29 16.70
CA LEU B 61 -33.05 -10.20 15.24
C LEU B 61 -32.63 -11.54 14.64
N LEU B 62 -31.75 -12.26 15.30
CA LEU B 62 -31.18 -13.48 14.76
C LEU B 62 -32.15 -14.65 14.87
N ILE B 63 -32.85 -14.75 16.01
CA ILE B 63 -33.79 -15.87 16.20
C ILE B 63 -34.85 -15.84 15.13
N ARG B 64 -35.19 -14.64 14.64
CA ARG B 64 -36.15 -14.52 13.56
C ARG B 64 -35.55 -14.92 12.21
N LYS B 65 -34.25 -15.12 12.12
CA LYS B 65 -33.63 -15.40 10.83
C LYS B 65 -33.50 -16.88 10.60
N SER B 66 -33.54 -17.27 9.33
CA SER B 66 -33.30 -18.63 8.86
C SER B 66 -32.15 -18.65 7.88
N ASN B 67 -31.59 -19.83 7.66
CA ASN B 67 -30.54 -19.96 6.66
C ASN B 67 -31.00 -19.36 5.34
N HIS B 68 -32.25 -19.56 4.97
CA HIS B 68 -32.67 -19.13 3.63
C HIS B 68 -32.99 -17.64 3.56
N ASN B 69 -32.82 -16.87 4.63
CA ASN B 69 -32.84 -15.42 4.52
C ASN B 69 -31.47 -14.81 4.17
N PHE B 70 -30.40 -15.60 4.08
CA PHE B 70 -29.06 -15.08 3.80
C PHE B 70 -28.65 -15.38 2.35
N LEU B 71 -28.32 -14.32 1.62
CA LEU B 71 -27.89 -14.42 0.23
C LEU B 71 -26.38 -14.25 0.25
N VAL B 72 -25.65 -15.32 0.00
CA VAL B 72 -24.20 -15.25 -0.04
C VAL B 72 -23.78 -15.49 -1.48
N GLN B 73 -22.96 -14.59 -2.01
CA GLN B 73 -22.56 -14.70 -3.40
C GLN B 73 -21.05 -14.47 -3.56
N ALA B 74 -20.42 -15.36 -4.32
CA ALA B 74 -19.08 -15.16 -4.83
C ALA B 74 -19.22 -14.66 -6.26
N GLY B 75 -18.90 -13.39 -6.49
CA GLY B 75 -19.32 -12.83 -7.77
C GLY B 75 -20.82 -12.86 -7.83
N ASN B 76 -21.37 -13.40 -8.91
CA ASN B 76 -22.82 -13.57 -9.01
C ASN B 76 -23.24 -15.01 -8.77
N VAL B 77 -22.37 -15.84 -8.21
CA VAL B 77 -22.65 -17.25 -7.99
C VAL B 77 -23.10 -17.42 -6.54
N GLN B 78 -24.32 -17.92 -6.34
CA GLN B 78 -24.85 -18.11 -5.00
C GLN B 78 -24.21 -19.28 -4.28
N LEU B 79 -23.86 -19.06 -3.02
CA LEU B 79 -23.43 -20.11 -2.10
C LEU B 79 -24.54 -20.33 -1.11
N ARG B 80 -25.10 -21.53 -1.11
CA ARG B 80 -26.24 -21.81 -0.24
C ARG B 80 -25.78 -21.90 1.21
N VAL B 81 -26.48 -21.18 2.09
CA VAL B 81 -26.21 -21.22 3.52
C VAL B 81 -26.95 -22.39 4.14
N ILE B 82 -26.23 -23.22 4.89
CA ILE B 82 -26.78 -24.40 5.55
C ILE B 82 -26.69 -24.33 7.07
N GLY B 83 -26.33 -23.19 7.63
CA GLY B 83 -26.24 -23.10 9.07
C GLY B 83 -25.81 -21.68 9.41
N HIS B 84 -26.19 -21.18 10.58
CA HIS B 84 -25.77 -19.84 10.98
C HIS B 84 -25.60 -19.80 12.47
N SER B 85 -24.64 -19.00 12.93
CA SER B 85 -24.45 -18.71 14.35
C SER B 85 -23.81 -17.34 14.49
N MET B 86 -23.88 -16.81 15.71
CA MET B 86 -23.33 -15.51 16.04
C MET B 86 -22.23 -15.73 17.07
N GLN B 87 -21.06 -15.14 16.81
CA GLN B 87 -19.95 -15.16 17.77
C GLN B 87 -19.56 -13.71 18.02
N ASN B 88 -19.90 -13.21 19.20
CA ASN B 88 -19.69 -11.81 19.48
C ASN B 88 -20.32 -10.96 18.37
N CYS B 89 -19.55 -10.13 17.69
CA CYS B 89 -20.14 -9.26 16.68
C CYS B 89 -19.96 -9.78 15.25
N VAL B 90 -19.58 -11.04 15.06
CA VAL B 90 -19.53 -11.59 13.70
C VAL B 90 -20.56 -12.70 13.56
N LEU B 91 -21.08 -12.78 12.36
CA LEU B 91 -21.94 -13.86 11.92
C LEU B 91 -21.07 -14.89 11.24
N LYS B 92 -21.30 -16.16 11.56
CA LYS B 92 -20.67 -17.28 10.90
C LYS B 92 -21.75 -18.00 10.12
N LEU B 93 -21.60 -18.05 8.80
CA LEU B 93 -22.57 -18.72 7.95
C LEU B 93 -21.91 -19.96 7.38
N LYS B 94 -22.43 -21.13 7.77
CA LYS B 94 -21.97 -22.36 7.14
C LYS B 94 -22.58 -22.46 5.74
N VAL B 95 -21.76 -22.77 4.75
CA VAL B 95 -22.17 -22.84 3.36
C VAL B 95 -21.86 -24.24 2.82
N ASP B 96 -22.48 -24.56 1.69
CA ASP B 96 -22.46 -25.92 1.19
C ASP B 96 -21.26 -26.21 0.31
N THR B 97 -20.34 -25.26 0.15
CA THR B 97 -19.16 -25.36 -0.70
C THR B 97 -17.93 -24.90 0.10
N ALA B 98 -16.92 -25.73 0.12
CA ALA B 98 -15.63 -25.36 0.70
C ALA B 98 -14.84 -24.54 -0.32
N ASN B 99 -14.36 -23.40 0.10
CA ASN B 99 -13.69 -22.49 -0.82
C ASN B 99 -12.42 -23.12 -1.36
N PRO B 100 -12.40 -23.47 -2.65
CA PRO B 100 -11.19 -24.05 -3.23
C PRO B 100 -9.98 -23.14 -3.13
N LYS B 101 -10.16 -21.82 -2.96
CA LYS B 101 -9.03 -20.88 -2.86
C LYS B 101 -8.60 -20.62 -1.42
N THR B 102 -9.13 -21.37 -0.46
CA THR B 102 -8.79 -21.15 0.94
C THR B 102 -7.28 -21.24 1.14
N PRO B 103 -6.62 -20.22 1.68
CA PRO B 103 -5.18 -20.32 1.95
C PRO B 103 -4.96 -20.99 3.30
N LYS B 104 -3.68 -21.27 3.59
CA LYS B 104 -3.29 -21.49 4.97
C LYS B 104 -3.59 -20.21 5.72
N TYR B 105 -4.28 -20.31 6.85
CA TYR B 105 -4.70 -19.10 7.55
C TYR B 105 -4.78 -19.32 9.06
N LYS B 106 -4.82 -18.20 9.79
CA LYS B 106 -5.18 -18.21 11.19
C LYS B 106 -5.82 -16.87 11.52
N PHE B 107 -6.46 -16.84 12.67
CA PHE B 107 -7.10 -15.65 13.23
C PHE B 107 -6.23 -15.15 14.39
N VAL B 108 -5.80 -13.90 14.32
CA VAL B 108 -5.01 -13.34 15.41
C VAL B 108 -5.59 -12.00 15.80
N ARG B 109 -5.40 -11.67 17.06
CA ARG B 109 -5.78 -10.38 17.62
C ARG B 109 -4.49 -9.61 17.79
N ILE B 110 -4.38 -8.48 17.09
CA ILE B 110 -3.12 -7.73 17.09
C ILE B 110 -3.13 -6.70 18.21
N GLN B 111 -1.94 -6.12 18.51
CA GLN B 111 -1.78 -5.09 19.53
C GLN B 111 -1.76 -3.71 18.91
N PRO B 112 -2.12 -2.67 19.66
CA PRO B 112 -1.95 -1.32 19.13
C PRO B 112 -0.51 -1.17 18.72
N GLY B 113 -0.31 -0.45 17.61
CA GLY B 113 0.98 -0.25 17.05
C GLY B 113 1.29 -1.18 15.90
N GLN B 114 0.74 -2.41 15.90
CA GLN B 114 1.00 -3.36 14.83
CA GLN B 114 1.05 -3.32 14.82
C GLN B 114 0.32 -2.90 13.55
N THR B 115 0.91 -3.24 12.43
CA THR B 115 0.38 -2.85 11.13
C THR B 115 -0.20 -4.07 10.43
N PHE B 116 -1.05 -3.81 9.44
CA PHE B 116 -1.66 -4.86 8.64
C PHE B 116 -2.10 -4.22 7.33
N SER B 117 -2.34 -5.07 6.35
CA SER B 117 -2.88 -4.61 5.09
C SER B 117 -4.39 -4.71 5.14
N VAL B 118 -5.07 -3.73 4.55
CA VAL B 118 -6.53 -3.75 4.42
C VAL B 118 -6.86 -3.92 2.95
N LEU B 119 -7.75 -4.88 2.65
CA LEU B 119 -8.25 -5.07 1.29
C LEU B 119 -9.66 -4.47 1.29
N ALA B 120 -9.77 -3.23 0.83
CA ALA B 120 -11.04 -2.53 0.80
C ALA B 120 -11.92 -3.15 -0.30
N CYS B 121 -13.12 -3.60 0.07
CA CYS B 121 -14.01 -4.32 -0.84
C CYS B 121 -15.41 -3.72 -0.83
N TYR B 122 -16.08 -3.84 -1.97
CA TYR B 122 -17.46 -3.39 -2.10
C TYR B 122 -18.20 -4.47 -2.88
N ASN B 123 -19.34 -4.92 -2.33
CA ASN B 123 -20.15 -5.95 -2.97
C ASN B 123 -19.32 -7.19 -3.30
N GLY B 124 -18.43 -7.53 -2.38
CA GLY B 124 -17.55 -8.67 -2.53
C GLY B 124 -16.47 -8.51 -3.57
N SER B 125 -16.33 -7.33 -4.16
CA SER B 125 -15.28 -7.08 -5.14
C SER B 125 -14.16 -6.26 -4.52
N PRO B 126 -12.92 -6.74 -4.54
CA PRO B 126 -11.79 -5.92 -4.09
C PRO B 126 -11.60 -4.67 -4.95
N SER B 127 -11.45 -3.53 -4.29
CA SER B 127 -11.12 -2.27 -4.95
C SER B 127 -9.70 -1.77 -4.69
N GLY B 128 -9.12 -2.03 -3.52
CA GLY B 128 -7.82 -1.45 -3.20
C GLY B 128 -7.22 -2.09 -1.98
N VAL B 129 -5.89 -2.02 -1.90
CA VAL B 129 -5.18 -2.51 -0.74
C VAL B 129 -4.26 -1.41 -0.23
N TYR B 130 -4.22 -1.28 1.09
CA TYR B 130 -3.31 -0.32 1.70
C TYR B 130 -2.93 -0.79 3.09
N GLN B 131 -1.86 -0.21 3.62
CA GLN B 131 -1.33 -0.56 4.92
C GLN B 131 -1.91 0.37 5.99
N CYS B 132 -2.34 -0.20 7.12
CA CYS B 132 -2.90 0.51 8.27
C CYS B 132 -2.06 0.20 9.50
N ALA B 133 -2.04 1.11 10.45
CA ALA B 133 -1.62 0.79 11.80
C ALA B 133 -2.82 0.86 12.75
N MET B 134 -2.85 -0.07 13.70
CA MET B 134 -3.80 -0.01 14.80
C MET B 134 -3.31 1.05 15.78
N ARG B 135 -4.08 2.12 15.95
CA ARG B 135 -3.70 3.21 16.83
C ARG B 135 -3.79 2.77 18.30
N PRO B 136 -3.06 3.45 19.20
CA PRO B 136 -3.19 3.12 20.61
C PRO B 136 -4.60 3.29 21.15
N ASN B 137 -5.43 4.11 20.51
CA ASN B 137 -6.82 4.24 20.92
C ASN B 137 -7.72 3.22 20.22
N PHE B 138 -7.13 2.24 19.52
CA PHE B 138 -7.87 1.12 18.93
C PHE B 138 -8.76 1.56 17.79
N THR B 139 -8.34 2.59 17.10
CA THR B 139 -8.90 2.94 15.80
C THR B 139 -7.82 2.75 14.73
N ILE B 140 -8.26 2.75 13.48
CA ILE B 140 -7.34 2.75 12.35
C ILE B 140 -7.74 3.93 11.49
N LYS B 141 -6.73 4.55 10.88
CA LYS B 141 -6.95 5.61 9.88
C LYS B 141 -7.14 4.94 8.52
N GLY B 142 -8.37 4.51 8.26
CA GLY B 142 -8.70 3.80 7.06
C GLY B 142 -9.21 4.71 5.98
N SER B 143 -9.60 4.08 4.89
CA SER B 143 -10.29 4.71 3.76
C SER B 143 -11.43 3.76 3.41
N PHE B 144 -12.63 4.12 3.84
CA PHE B 144 -13.77 3.22 3.76
C PHE B 144 -14.99 4.02 3.39
N LEU B 145 -15.74 3.53 2.42
CA LEU B 145 -17.01 4.09 2.00
C LEU B 145 -18.15 3.17 2.41
N ASN B 146 -19.38 3.65 2.24
CA ASN B 146 -20.54 2.79 2.42
C ASN B 146 -20.36 1.48 1.67
N GLY B 147 -20.75 0.39 2.33
CA GLY B 147 -20.67 -0.91 1.71
C GLY B 147 -19.36 -1.60 1.94
N SER B 148 -18.41 -0.97 2.65
CA SER B 148 -17.10 -1.54 2.87
C SER B 148 -17.04 -2.52 4.05
N CYS B 149 -18.07 -2.56 4.90
CA CYS B 149 -18.01 -3.43 6.07
C CYS B 149 -17.79 -4.87 5.65
N GLY B 150 -17.08 -5.61 6.51
CA GLY B 150 -16.65 -6.93 6.20
C GLY B 150 -15.32 -7.02 5.48
N SER B 151 -14.82 -5.93 4.89
CA SER B 151 -13.43 -5.86 4.45
C SER B 151 -12.51 -6.26 5.59
N VAL B 152 -11.39 -6.93 5.27
CA VAL B 152 -10.58 -7.47 6.33
C VAL B 152 -9.18 -6.91 6.23
N GLY B 153 -8.51 -6.97 7.38
CA GLY B 153 -7.11 -6.63 7.53
C GLY B 153 -6.30 -7.87 7.86
N PHE B 154 -5.07 -7.93 7.36
CA PHE B 154 -4.32 -9.18 7.42
C PHE B 154 -2.83 -8.95 7.29
N ASN B 155 -2.08 -9.92 7.79
CA ASN B 155 -0.64 -10.05 7.54
C ASN B 155 -0.39 -11.40 6.90
N ILE B 156 0.68 -11.50 6.13
CA ILE B 156 1.05 -12.76 5.49
C ILE B 156 2.46 -13.12 5.97
N ASP B 157 2.59 -14.30 6.58
CA ASP B 157 3.87 -14.85 7.07
C ASP B 157 4.15 -16.14 6.32
N TYR B 158 5.20 -16.14 5.51
CA TYR B 158 5.49 -17.27 4.64
C TYR B 158 4.30 -17.45 3.70
N ASP B 159 3.51 -18.49 3.90
CA ASP B 159 2.35 -18.75 3.05
C ASP B 159 1.05 -18.65 3.83
N CYS B 160 1.11 -18.17 5.08
CA CYS B 160 -0.01 -18.21 5.98
C CYS B 160 -0.59 -16.82 6.14
N VAL B 161 -1.88 -16.68 5.90
CA VAL B 161 -2.56 -15.41 6.06
C VAL B 161 -3.10 -15.35 7.48
N SER B 162 -2.67 -14.33 8.23
CA SER B 162 -3.17 -14.08 9.56
C SER B 162 -4.18 -12.95 9.47
N PHE B 163 -5.44 -13.29 9.66
CA PHE B 163 -6.49 -12.30 9.63
C PHE B 163 -6.59 -11.67 11.02
N CYS B 164 -6.57 -10.34 11.07
CA CYS B 164 -6.62 -9.64 12.35
C CYS B 164 -7.72 -8.60 12.49
N TYR B 165 -8.41 -8.22 11.41
CA TYR B 165 -9.36 -7.11 11.45
C TYR B 165 -10.51 -7.38 10.50
N MET B 166 -11.70 -6.97 10.89
CA MET B 166 -12.87 -6.91 10.03
C MET B 166 -13.59 -5.58 10.29
N HIS B 167 -13.95 -4.88 9.23
CA HIS B 167 -14.38 -3.51 9.31
C HIS B 167 -15.86 -3.44 9.64
N HIS B 168 -16.23 -2.58 10.61
CA HIS B 168 -17.62 -2.41 11.01
C HIS B 168 -18.12 -0.96 10.99
N MET B 169 -17.28 0.03 11.28
CA MET B 169 -17.85 1.37 11.49
C MET B 169 -16.83 2.50 11.35
N GLU B 170 -17.40 3.71 11.24
CA GLU B 170 -16.67 4.97 11.19
C GLU B 170 -17.09 5.85 12.37
N LEU B 171 -16.13 6.51 12.97
CA LEU B 171 -16.33 7.38 14.12
C LEU B 171 -16.43 8.84 13.70
N PRO B 172 -16.90 9.71 14.60
CA PRO B 172 -17.10 11.12 14.21
C PRO B 172 -15.86 11.78 13.62
N THR B 173 -14.68 11.43 14.13
CA THR B 173 -13.45 12.05 13.66
C THR B 173 -12.96 11.48 12.35
N GLY B 174 -13.71 10.59 11.71
CA GLY B 174 -13.31 10.05 10.43
C GLY B 174 -12.32 8.89 10.51
N VAL B 175 -12.07 8.35 11.70
CA VAL B 175 -11.33 7.12 11.83
C VAL B 175 -12.30 5.96 11.92
N HIS B 176 -11.74 4.75 11.91
CA HIS B 176 -12.52 3.55 11.69
C HIS B 176 -12.29 2.56 12.81
N ALA B 177 -13.30 1.73 13.06
CA ALA B 177 -13.30 0.76 14.14
C ALA B 177 -13.89 -0.56 13.66
N GLY B 178 -13.48 -1.63 14.31
CA GLY B 178 -13.83 -2.95 13.87
C GLY B 178 -13.43 -3.99 14.90
N THR B 179 -13.52 -5.26 14.48
CA THR B 179 -13.30 -6.41 15.35
C THR B 179 -12.17 -7.28 14.82
N ASP B 180 -11.74 -8.23 15.65
CA ASP B 180 -10.99 -9.37 15.17
C ASP B 180 -11.96 -10.35 14.50
N LEU B 181 -11.45 -11.46 14.00
CA LEU B 181 -12.27 -12.43 13.28
C LEU B 181 -13.05 -13.32 14.23
N GLU B 182 -12.88 -13.15 15.54
CA GLU B 182 -13.76 -13.73 16.54
C GLU B 182 -14.88 -12.78 16.96
N GLY B 183 -15.00 -11.61 16.33
CA GLY B 183 -16.09 -10.72 16.56
C GLY B 183 -15.91 -9.78 17.73
N ASN B 184 -14.75 -9.79 18.36
CA ASN B 184 -14.46 -8.94 19.51
C ASN B 184 -13.89 -7.61 19.03
N PHE B 185 -14.60 -6.54 19.35
CA PHE B 185 -14.14 -5.22 18.92
C PHE B 185 -12.75 -4.94 19.48
N TYR B 186 -11.97 -4.23 18.69
CA TYR B 186 -10.81 -3.52 19.22
C TYR B 186 -11.34 -2.24 19.86
N GLY B 187 -10.93 -2.00 21.10
CA GLY B 187 -11.36 -0.81 21.80
C GLY B 187 -12.74 -0.96 22.40
N PRO B 188 -13.27 0.15 22.91
CA PRO B 188 -14.52 0.10 23.67
C PRO B 188 -15.76 0.40 22.84
N PHE B 189 -15.74 0.05 21.57
CA PHE B 189 -16.84 0.38 20.67
C PHE B 189 -17.83 -0.78 20.60
N VAL B 190 -19.05 -0.43 20.20
CA VAL B 190 -20.14 -1.38 20.00
C VAL B 190 -20.76 -1.13 18.63
N ASP B 191 -21.37 -2.17 18.05
CA ASP B 191 -21.95 -2.04 16.71
C ASP B 191 -23.40 -1.57 16.80
N ARG B 192 -23.55 -0.29 17.19
CA ARG B 192 -24.84 0.39 17.25
C ARG B 192 -24.66 1.78 16.64
N GLN B 193 -25.66 2.21 15.89
CA GLN B 193 -25.61 3.48 15.18
C GLN B 193 -25.92 4.59 16.18
N THR B 194 -25.01 4.75 17.14
CA THR B 194 -25.08 5.77 18.17
C THR B 194 -23.74 6.50 18.25
N ALA B 195 -23.76 7.70 18.84
CA ALA B 195 -22.54 8.49 18.90
C ALA B 195 -21.52 7.84 19.82
N GLN B 196 -20.31 7.64 19.29
CA GLN B 196 -19.22 7.09 20.07
C GLN B 196 -17.98 7.89 19.72
N ALA B 197 -17.02 7.89 20.64
CA ALA B 197 -15.83 8.71 20.46
C ALA B 197 -14.60 7.93 20.80
N ALA B 198 -13.56 8.10 19.98
CA ALA B 198 -12.29 7.47 20.28
C ALA B 198 -11.55 8.27 21.34
N GLY B 199 -10.88 7.57 22.24
CA GLY B 199 -10.01 8.25 23.21
C GLY B 199 -8.99 9.13 22.51
N THR B 200 -8.31 10.02 23.23
CA THR B 200 -7.28 10.81 22.55
C THR B 200 -6.16 9.87 22.12
N ASP B 201 -5.66 10.10 20.94
CA ASP B 201 -4.65 9.19 20.42
C ASP B 201 -3.28 9.60 20.92
N THR B 202 -2.36 8.67 20.85
CA THR B 202 -0.98 8.90 21.25
C THR B 202 -0.06 8.41 20.15
N THR B 203 1.21 8.77 20.24
CA THR B 203 2.20 8.33 19.26
C THR B 203 2.75 6.94 19.62
N ILE B 204 2.95 6.12 18.59
CA ILE B 204 3.38 4.74 18.77
C ILE B 204 4.91 4.71 18.93
N THR B 205 5.34 4.69 20.19
CA THR B 205 6.75 4.84 20.53
C THR B 205 7.61 3.73 19.92
N VAL B 206 7.16 2.49 20.04
CA VAL B 206 7.97 1.40 19.52
C VAL B 206 8.23 1.57 18.02
N ASN B 207 7.24 2.07 17.28
CA ASN B 207 7.44 2.32 15.85
C ASN B 207 8.34 3.52 15.59
N VAL B 208 8.26 4.57 16.40
CA VAL B 208 9.21 5.65 16.21
C VAL B 208 10.62 5.14 16.40
N LEU B 209 10.83 4.33 17.45
CA LEU B 209 12.14 3.76 17.69
C LEU B 209 12.58 2.92 16.49
N ALA B 210 11.69 2.14 15.92
CA ALA B 210 12.01 1.37 14.71
C ALA B 210 12.50 2.29 13.60
N TRP B 211 11.79 3.40 13.41
CA TRP B 211 12.16 4.42 12.45
C TRP B 211 13.55 4.97 12.72
N LEU B 212 13.88 5.26 13.98
CA LEU B 212 15.23 5.74 14.26
C LEU B 212 16.26 4.66 13.93
N TYR B 213 15.98 3.41 14.26
CA TYR B 213 16.88 2.32 13.85
C TYR B 213 17.03 2.30 12.35
N ALA B 214 15.92 2.48 11.62
CA ALA B 214 15.96 2.56 10.17
C ALA B 214 16.86 3.69 9.71
N ALA B 215 16.75 4.87 10.32
CA ALA B 215 17.64 5.97 9.95
C ALA B 215 19.11 5.61 10.17
N VAL B 216 19.42 4.98 11.30
CA VAL B 216 20.80 4.62 11.57
C VAL B 216 21.30 3.63 10.52
N ILE B 217 20.50 2.61 10.19
CA ILE B 217 20.89 1.60 9.19
C ILE B 217 21.28 2.25 7.85
N ASN B 218 20.64 3.36 7.52
CA ASN B 218 20.87 4.10 6.29
C ASN B 218 21.89 5.22 6.47
N GLY B 219 22.56 5.27 7.60
CA GLY B 219 23.67 6.20 7.80
C GLY B 219 23.31 7.55 8.40
N ASP B 220 22.11 7.73 8.88
CA ASP B 220 21.62 9.02 9.37
C ASP B 220 21.54 8.89 10.89
N ARG B 221 22.59 9.34 11.57
CA ARG B 221 22.71 9.01 12.98
C ARG B 221 23.15 10.20 13.83
N TRP B 222 22.85 11.42 13.38
CA TRP B 222 23.24 12.61 14.15
C TRP B 222 22.61 12.62 15.52
N PHE B 223 21.44 12.00 15.67
CA PHE B 223 20.63 12.09 16.88
C PHE B 223 21.06 11.11 17.97
N LEU B 224 22.00 10.22 17.68
CA LEU B 224 22.47 9.28 18.70
C LEU B 224 23.27 10.06 19.74
N ASN B 225 23.02 9.77 21.02
CA ASN B 225 23.76 10.41 22.11
C ASN B 225 24.49 9.37 22.93
N ARG B 226 25.33 9.85 23.87
CA ARG B 226 26.26 9.01 24.61
C ARG B 226 25.64 8.39 25.87
N PHE B 227 24.33 8.56 26.08
CA PHE B 227 23.70 8.18 27.33
C PHE B 227 22.59 7.16 27.14
N THR B 228 22.09 6.68 28.27
CA THR B 228 21.07 5.66 28.32
C THR B 228 20.04 6.08 29.36
N THR B 229 19.06 5.22 29.60
CA THR B 229 17.99 5.54 30.55
C THR B 229 17.38 4.23 30.99
N THR B 230 16.57 4.30 32.03
CA THR B 230 15.83 3.12 32.42
C THR B 230 14.55 3.12 31.61
N LEU B 231 13.95 1.94 31.50
CA LEU B 231 12.67 1.84 30.83
C LEU B 231 11.60 2.63 31.58
N ASN B 232 11.64 2.58 32.91
CA ASN B 232 10.65 3.33 33.69
C ASN B 232 10.80 4.84 33.51
N ASP B 233 12.02 5.36 33.63
CA ASP B 233 12.19 6.80 33.40
C ASP B 233 11.72 7.17 32.01
N PHE B 234 12.06 6.36 31.00
CA PHE B 234 11.65 6.71 29.65
C PHE B 234 10.11 6.74 29.54
N ASN B 235 9.45 5.70 30.03
CA ASN B 235 8.01 5.64 29.94
C ASN B 235 7.35 6.85 30.60
N LEU B 236 7.85 7.24 31.77
CA LEU B 236 7.24 8.38 32.47
C LEU B 236 7.44 9.68 31.67
N VAL B 237 8.63 9.86 31.11
CA VAL B 237 8.88 11.04 30.27
C VAL B 237 8.03 10.98 29.01
N ALA B 238 8.02 9.82 28.35
CA ALA B 238 7.31 9.73 27.09
C ALA B 238 5.84 10.10 27.25
N MET B 239 5.21 9.65 28.35
CA MET B 239 3.79 9.94 28.53
C MET B 239 3.52 11.43 28.60
N LYS B 240 4.49 12.23 29.04
CA LYS B 240 4.33 13.69 29.10
C LYS B 240 4.33 14.31 27.71
N TYR B 241 4.76 13.56 26.69
CA TYR B 241 4.75 14.04 25.32
C TYR B 241 3.67 13.35 24.48
N ASN B 242 2.71 12.68 25.13
CA ASN B 242 1.65 11.92 24.46
C ASN B 242 2.22 10.82 23.58
N TYR B 243 3.28 10.19 24.07
CA TYR B 243 3.83 8.98 23.51
C TYR B 243 3.40 7.79 24.36
N GLU B 244 3.20 6.66 23.70
CA GLU B 244 2.82 5.44 24.40
C GLU B 244 3.99 4.92 25.23
N PRO B 245 3.71 4.43 26.44
CA PRO B 245 4.76 3.69 27.15
C PRO B 245 5.11 2.41 26.43
N LEU B 246 6.37 2.06 26.51
CA LEU B 246 6.83 0.78 25.97
C LEU B 246 6.46 -0.37 26.91
N THR B 247 6.18 -1.51 26.31
CA THR B 247 6.02 -2.78 26.98
C THR B 247 7.30 -3.61 26.80
N GLN B 248 7.33 -4.73 27.52
CA GLN B 248 8.40 -5.71 27.30
C GLN B 248 8.34 -6.29 25.90
N ASP B 249 7.14 -6.51 25.36
CA ASP B 249 7.02 -7.02 23.99
C ASP B 249 7.64 -6.04 22.99
N HIS B 250 7.43 -4.74 23.21
CA HIS B 250 8.08 -3.73 22.38
C HIS B 250 9.60 -3.83 22.46
N VAL B 251 10.12 -3.94 23.68
CA VAL B 251 11.56 -4.03 23.84
C VAL B 251 12.06 -5.26 23.12
N ASP B 252 11.31 -6.35 23.20
CA ASP B 252 11.69 -7.61 22.55
C ASP B 252 11.69 -7.49 21.02
N ILE B 253 10.64 -6.89 20.43
CA ILE B 253 10.57 -6.86 18.97
C ILE B 253 11.53 -5.85 18.35
N LEU B 254 12.09 -4.96 19.15
CA LEU B 254 13.20 -4.12 18.70
C LEU B 254 14.52 -4.85 18.73
N GLY B 255 14.52 -6.11 19.17
CA GLY B 255 15.74 -6.85 19.40
C GLY B 255 16.61 -6.97 18.17
N PRO B 256 16.04 -7.47 17.08
CA PRO B 256 16.83 -7.62 15.84
C PRO B 256 17.42 -6.30 15.34
N LEU B 257 16.70 -5.17 15.45
CA LEU B 257 17.24 -3.91 14.94
C LEU B 257 18.33 -3.39 15.86
N SER B 258 18.15 -3.62 17.17
CA SER B 258 19.21 -3.36 18.14
C SER B 258 20.46 -4.16 17.79
N ALA B 259 20.29 -5.43 17.46
CA ALA B 259 21.45 -6.28 17.14
C ALA B 259 22.10 -5.88 15.82
N GLN B 260 21.27 -5.50 14.84
CA GLN B 260 21.78 -5.12 13.52
C GLN B 260 22.63 -3.87 13.61
N THR B 261 22.26 -2.92 14.49
CA THR B 261 22.97 -1.66 14.63
C THR B 261 23.93 -1.63 15.80
N GLY B 262 23.84 -2.55 16.76
CA GLY B 262 24.69 -2.47 17.94
C GLY B 262 24.30 -1.37 18.92
N ILE B 263 23.09 -0.85 18.80
CA ILE B 263 22.58 0.23 19.64
C ILE B 263 21.52 -0.37 20.53
N ALA B 264 21.81 -0.42 21.83
CA ALA B 264 20.87 -0.98 22.78
C ALA B 264 19.54 -0.23 22.72
N VAL B 265 18.47 -0.96 22.96
CA VAL B 265 17.14 -0.37 22.90
C VAL B 265 17.06 0.85 23.84
N LEU B 266 17.55 0.69 25.08
CA LEU B 266 17.48 1.77 26.06
C LEU B 266 18.36 2.94 25.70
N ASP B 267 19.45 2.71 24.96
CA ASP B 267 20.19 3.83 24.43
C ASP B 267 19.41 4.56 23.36
N MET B 268 18.74 3.82 22.46
CA MET B 268 17.90 4.51 21.51
C MET B 268 16.80 5.27 22.22
N CYS B 269 16.25 4.71 23.30
CA CYS B 269 15.24 5.45 24.09
C CYS B 269 15.80 6.77 24.61
N ALA B 270 17.05 6.78 25.10
CA ALA B 270 17.63 8.03 25.56
C ALA B 270 17.78 9.05 24.42
N SER B 271 18.12 8.59 23.22
CA SER B 271 18.19 9.50 22.09
C SER B 271 16.83 10.08 21.76
N LEU B 272 15.79 9.25 21.79
CA LEU B 272 14.45 9.75 21.54
C LEU B 272 14.01 10.74 22.62
N LYS B 273 14.29 10.44 23.88
CA LYS B 273 13.96 11.40 24.95
C LYS B 273 14.58 12.75 24.65
N GLU B 274 15.85 12.76 24.20
CA GLU B 274 16.50 14.03 23.93
C GLU B 274 15.82 14.74 22.76
N LEU B 275 15.38 14.00 21.75
CA LEU B 275 14.62 14.62 20.67
C LEU B 275 13.27 15.15 21.18
N LEU B 276 12.67 14.49 22.15
CA LEU B 276 11.40 14.97 22.69
C LEU B 276 11.61 16.23 23.52
N GLN B 277 12.67 16.25 24.32
CA GLN B 277 12.88 17.36 25.25
C GLN B 277 13.49 18.58 24.57
N ASN B 278 14.34 18.39 23.57
CA ASN B 278 15.06 19.48 22.94
C ASN B 278 14.58 19.80 21.54
N GLY B 279 13.74 18.97 20.93
CA GLY B 279 13.28 19.20 19.59
C GLY B 279 14.30 18.80 18.53
N MET B 280 13.85 18.86 17.28
CA MET B 280 14.72 18.60 16.14
C MET B 280 15.73 19.71 15.88
N ASN B 281 15.59 20.86 16.55
CA ASN B 281 16.41 22.03 16.26
C ASN B 281 16.59 22.18 14.75
N GLY B 282 15.51 22.01 13.99
CA GLY B 282 15.52 22.25 12.56
C GLY B 282 16.19 21.19 11.70
N ARG B 283 16.52 20.04 12.25
CA ARG B 283 17.17 19.02 11.44
C ARG B 283 16.13 18.05 10.90
N THR B 284 16.58 17.09 10.12
CA THR B 284 15.72 16.06 9.59
C THR B 284 16.31 14.68 9.91
N ILE B 285 15.41 13.70 9.84
CA ILE B 285 15.76 12.29 9.97
C ILE B 285 15.07 11.61 8.82
N LEU B 286 15.84 10.87 8.03
CA LEU B 286 15.34 10.17 6.83
C LEU B 286 14.55 11.10 5.90
N GLY B 287 14.92 12.38 5.85
CA GLY B 287 14.27 13.29 4.93
C GLY B 287 12.88 13.66 5.42
N SER B 288 12.81 14.23 6.63
CA SER B 288 11.53 14.54 7.26
C SER B 288 11.81 15.18 8.61
N ALA B 289 11.06 16.22 8.98
CA ALA B 289 11.14 16.72 10.35
C ALA B 289 10.13 16.03 11.25
N LEU B 290 9.24 15.24 10.68
CA LEU B 290 8.29 14.47 11.46
C LEU B 290 8.86 13.09 11.76
N LEU B 291 8.74 12.67 13.01
CA LEU B 291 9.00 11.28 13.37
C LEU B 291 7.81 10.41 12.97
N GLU B 292 8.08 9.36 12.21
CA GLU B 292 7.06 8.45 11.67
C GLU B 292 6.75 7.37 12.69
N ASP B 293 5.44 7.05 12.84
CA ASP B 293 5.08 6.03 13.83
C ASP B 293 4.20 4.92 13.27
N GLU B 294 4.09 4.76 11.95
CA GLU B 294 3.34 3.64 11.40
C GLU B 294 4.21 2.62 10.65
N PHE B 295 5.51 2.56 10.96
CA PHE B 295 6.41 1.51 10.46
C PHE B 295 6.90 0.70 11.65
N THR B 296 6.47 -0.56 11.73
CA THR B 296 6.91 -1.44 12.81
C THR B 296 8.33 -1.94 12.57
N PRO B 297 8.91 -2.58 13.58
CA PRO B 297 10.23 -3.18 13.39
C PRO B 297 10.26 -4.20 12.27
N PHE B 298 9.17 -4.96 12.07
CA PHE B 298 9.08 -5.86 10.92
C PHE B 298 9.04 -5.11 9.59
N ASP B 299 8.24 -4.05 9.51
CA ASP B 299 8.20 -3.23 8.29
C ASP B 299 9.59 -2.72 7.94
N VAL B 300 10.36 -2.27 8.94
CA VAL B 300 11.69 -1.72 8.67
C VAL B 300 12.58 -2.81 8.08
N VAL B 301 12.55 -3.99 8.68
CA VAL B 301 13.39 -5.09 8.24
C VAL B 301 13.01 -5.51 6.81
N ARG B 302 11.72 -5.62 6.56
CA ARG B 302 11.20 -6.08 5.28
C ARG B 302 11.42 -5.06 4.16
N GLN B 303 11.90 -3.86 4.48
CA GLN B 303 12.21 -2.86 3.45
C GLN B 303 13.69 -2.48 3.39
N CYS B 304 14.49 -2.84 4.40
CA CYS B 304 15.91 -2.54 4.35
C CYS B 304 16.73 -3.74 3.95
N SER B 305 16.24 -4.95 4.22
CA SER B 305 17.07 -6.15 4.15
C SER B 305 16.36 -7.30 3.42
C11 A1AGX C . 21.66 -4.13 -13.59
C12 A1AGX C . 22.23 -3.36 -14.76
C13 A1AGX C . 21.15 -2.51 -15.43
C14 A1AGX C . 22.86 -4.28 -15.84
C15 A1AGX C . 20.46 -4.25 -11.49
C17 A1AGX C . 18.57 -5.02 -10.07
C18 A1AGX C . 17.61 -4.22 -9.13
C10 A1AGX C . 20.99 -3.28 -12.54
C23 A1AGX C . 19.49 -3.53 -7.41
C19 A1AGX C . 18.39 -3.10 -8.41
N21 A1AGX C . 18.03 -2.00 -6.33
C22 A1AGX C . 19.31 -2.67 -6.13
C02 A1AGX C . 26.16 2.10 -9.29
C03 A1AGX C . 25.42 3.31 -9.78
C04 A1AGX C . 24.21 2.74 -10.52
C05 A1AGX C . 24.00 1.32 -9.95
C06 A1AGX C . 23.40 0.34 -10.99
C08 A1AGX C . 21.76 -1.45 -10.95
C20 A1AGX C . 17.48 -2.22 -7.57
C25 A1AGX C . 17.77 -6.18 -10.71
N09 A1AGX C . 22.00 -2.36 -11.98
N16 A1AGX C . 19.15 -4.16 -11.08
N29 A1AGX C . 25.36 0.97 -9.39
O01 A1AGX C . 27.33 2.12 -8.86
O07 A1AGX C . 22.83 -0.82 -10.37
O24 A1AGX C . 16.41 -1.74 -7.94
O26 A1AGX C . 17.26 -6.93 -9.59
O27 A1AGX C . 21.20 -5.10 -11.01
O28 A1AGX C . 20.62 -1.21 -10.55
C14 A1AGW D . 22.84 -4.35 -15.73
C11 A1AGW D . 21.59 -4.13 -13.46
C10 A1AGW D . 20.95 -3.17 -12.43
C12 A1AGW D . 22.19 -3.40 -14.68
C13 A1AGW D . 21.13 -2.57 -15.39
C15 A1AGW D . 20.44 -3.99 -11.24
C17 A1AGW D . 18.51 -5.13 -10.04
C18 A1AGW D . 17.62 -4.24 -9.08
C19 A1AGW D . 18.43 -3.08 -8.46
C20 A1AGW D . 17.54 -2.17 -7.62
C22 A1AGW D . 19.32 -2.72 -6.15
C23 A1AGW D . 19.57 -3.46 -7.49
C25 A1AGW D . 17.58 -6.22 -10.58
N21 A1AGW D . 18.07 -1.99 -6.36
C02 A1AGW D . 26.22 2.06 -9.40
C03 A1AGW D . 25.47 3.29 -9.83
C04 A1AGW D . 24.23 2.74 -10.55
C05 A1AGW D . 24.02 1.32 -9.99
C06 A1AGW D . 23.38 0.36 -11.01
C08 A1AGW D . 21.76 -1.39 -10.94
N09 A1AGW D . 21.97 -2.24 -12.00
N16 A1AGW D . 19.10 -4.37 -11.16
N29 A1AGW D . 25.39 0.94 -9.50
O01 A1AGW D . 27.39 2.06 -9.03
O07 A1AGW D . 22.83 -0.77 -10.37
O24 A1AGW D . 16.50 -1.64 -7.99
O26 A1AGW D . 18.44 -7.15 -11.19
O27 A1AGW D . 21.24 -4.27 -10.32
O28 A1AGW D . 20.64 -1.15 -10.49
C11 A1AGX E . -23.19 0.46 11.21
C12 A1AGX E . -23.45 0.25 12.71
C13 A1AGX E . -22.16 0.09 13.50
C14 A1AGX E . -24.30 -0.97 13.02
C15 A1AGX E . -21.81 1.47 9.37
C17 A1AGX E . -20.53 0.72 7.38
C18 A1AGX E . -19.12 1.37 6.99
C10 A1AGX E . -22.04 1.46 10.91
C23 A1AGX E . -20.00 3.80 6.50
C19 A1AGX E . -19.10 2.87 7.32
N21 A1AGX E . -17.77 4.49 6.20
C22 A1AGX E . -19.07 4.70 5.63
C02 A1AGX E . -20.68 7.54 15.60
C03 A1AGX E . -20.16 6.23 16.11
C04 A1AGX E . -20.95 5.21 15.26
C05 A1AGX E . -21.23 5.94 13.91
C06 A1AGX E . -22.39 5.37 13.07
C08 A1AGX E . -21.57 3.86 11.28
C20 A1AGX E . -17.71 3.48 7.13
C25 A1AGX E . -20.53 -0.76 6.88
C30 A1AGX E . -21.95 8.52 13.67
C31 A1AGX E . -21.25 9.10 12.39
C32 A1AGX E . -19.78 8.69 12.31
C33 A1AGX E . -19.08 9.26 11.07
C34 A1AGX E . -19.18 10.78 11.00
C35 A1AGX E . -20.63 11.26 11.19
C36 A1AGX E . -21.33 10.63 12.41
N09 A1AGX E . -22.43 2.78 11.41
N16 A1AGX E . -20.77 0.74 8.79
N29 A1AGX E . -21.33 7.38 14.37
O01 A1AGX E . -20.59 8.60 16.23
O07 A1AGX E . -21.98 5.11 11.68
O24 A1AGX E . -16.69 3.15 7.71
O26 A1AGX E . -20.18 -0.66 5.53
O27 A1AGX E . -22.54 2.14 8.66
O28 A1AGX E . -20.43 3.71 10.83
C14 A1AGW F . -24.30 -0.84 12.91
C11 A1AGW F . -23.15 0.43 11.02
C10 A1AGW F . -22.05 1.48 10.63
C12 A1AGW F . -23.41 0.32 12.53
C13 A1AGW F . -22.11 0.14 13.31
C15 A1AGW F . -21.86 1.44 9.08
C17 A1AGW F . -20.52 0.66 7.12
C18 A1AGW F . -19.15 1.37 6.71
C19 A1AGW F . -19.11 2.83 7.21
C20 A1AGW F . -17.72 3.46 7.07
C22 A1AGW F . -19.07 4.72 5.61
C23 A1AGW F . -20.01 3.85 6.49
C25 A1AGW F . -20.45 -0.86 6.70
C30 A1AGW F . -22.00 8.46 13.61
C31 A1AGW F . -21.28 9.06 12.35
C32 A1AGW F . -19.80 8.66 12.28
C33 A1AGW F . -19.09 9.25 11.06
C34 A1AGW F . -19.20 10.77 11.01
C35 A1AGW F . -20.64 11.25 11.20
C36 A1AGW F . -21.35 10.60 12.40
N21 A1AGW F . -17.77 4.50 6.19
C02 A1AGW F . -20.71 7.55 15.57
C03 A1AGW F . -20.17 6.25 16.09
C04 A1AGW F . -20.94 5.20 15.26
C05 A1AGW F . -21.23 5.89 13.90
C06 A1AGW F . -22.39 5.29 13.07
C08 A1AGW F . -21.56 3.83 11.23
N09 A1AGW F . -22.46 2.79 11.12
N16 A1AGW F . -20.78 0.74 8.52
N29 A1AGW F . -21.35 7.34 14.33
O01 A1AGW F . -20.64 8.62 16.17
O07 A1AGW F . -22.00 5.07 11.66
O24 A1AGW F . -16.71 3.11 7.67
O26 A1AGW F . -21.73 -1.34 6.97
O27 A1AGW F . -22.64 2.04 8.34
O28 A1AGW F . -20.37 3.66 10.97
C1 MLT G . -13.89 -16.68 -4.91
O1 MLT G . -14.33 -15.56 -5.28
O2 MLT G . -12.86 -16.68 -4.22
C2 MLT G . -14.54 -18.02 -5.23
O3 MLT G . -13.55 -19.04 -5.30
C3 MLT G . -15.45 -18.06 -6.46
C4 MLT G . -16.22 -19.38 -6.47
O4 MLT G . -17.49 -19.48 -6.52
O5 MLT G . -15.60 -20.44 -6.39
#